data_4FXQ
#
_entry.id   4FXQ
#
_cell.length_a   61.310
_cell.length_b   100.290
_cell.length_c   191.090
_cell.angle_alpha   90.00
_cell.angle_beta   90.00
_cell.angle_gamma   90.00
#
_symmetry.space_group_name_H-M   'P 21 21 21'
#
loop_
_entity.id
_entity.type
_entity.pdbx_description
1 polymer 'Putative ADP-ribosyltransferase Certhrax'
2 non-polymer 8-fluoro-2-(3-piperidin-1-ylpropanoyl)-1,3,4,5-tetrahydrobenzo[c][1,6]naphthyridin-6(2H)-one
3 non-polymer 'CHLORIDE ION'
4 non-polymer 'SODIUM ION'
5 water water
#
_entity_poly.entity_id   1
_entity_poly.type   'polypeptide(L)'
_entity_poly.pdbx_seq_one_letter_code
;DENSKKTQELVEKLPHEVLELYKNVGGEIYITDKRLTQHEELSDSSHKDMFIVSSEGKSFPLREHFVFAKGGKEPSLIIH
AEDYASHLSSVEVYYELGKAIIRDTFPLNQKELGNPKFINAINEVNQQKEGKGVNAKADEDGRDLLFGKELKKNLEHGQL
VDLDLISGNLSEFQHVFAKSFALYYEPHYKEALKSYAPALFNYMLELDQMRFKEISDDVKEKNKNVLDFKWYTRKAESWG
VQTFKNWKENLTISEKDIITGYTGSKYDPINEYLRKYDGEIIPNIGGDLDKKSKKALEKIENQIKNLDAALQKSKITENL
IVYRRVSELQFGKKYEDYNLRQNGIINEEKVMELESNFKGQTFIQHNYMSTSLVQDPHQSYSNDRYPILLEITIPEGVHG
AYIADMSEYPGQYEMLINRGYTFKYDKFSIVKPTREEDKGKEYLKVNLSIYLGNHHHHHH
;
_entity_poly.pdbx_strand_id   A,B
#
loop_
_chem_comp.id
_chem_comp.type
_chem_comp.name
_chem_comp.formula
CL non-polymer 'CHLORIDE ION' 'Cl -1'
G9L non-polymer 8-fluoro-2-(3-piperidin-1-ylpropanoyl)-1,3,4,5-tetrahydrobenzo[c][1,6]naphthyridin-6(2H)-one 'C20 H24 F N3 O2'
NA non-polymer 'SODIUM ION' 'Na 1'
#
# COMPACT_ATOMS: atom_id res chain seq x y z
N GLU A 2 20.59 42.30 3.12
CA GLU A 2 20.75 43.67 3.61
C GLU A 2 20.78 43.68 5.14
N ASN A 3 19.74 44.23 5.75
CA ASN A 3 19.56 44.15 7.20
C ASN A 3 19.58 42.69 7.64
N SER A 4 19.12 41.81 6.74
CA SER A 4 19.15 40.37 6.97
C SER A 4 20.60 39.90 7.08
N LYS A 5 21.46 40.46 6.26
CA LYS A 5 22.89 40.11 6.28
C LYS A 5 23.56 40.61 7.57
N LYS A 6 23.27 41.85 7.94
CA LYS A 6 23.84 42.44 9.15
C LYS A 6 23.40 41.68 10.39
N THR A 7 22.16 41.21 10.38
CA THR A 7 21.65 40.37 11.46
C THR A 7 22.43 39.06 11.51
N GLN A 8 22.66 38.45 10.35
CA GLN A 8 23.47 37.23 10.27
C GLN A 8 24.88 37.45 10.80
N GLU A 9 25.48 38.56 10.39
CA GLU A 9 26.83 38.91 10.80
C GLU A 9 26.89 39.09 12.32
N LEU A 10 25.82 39.64 12.88
CA LEU A 10 25.73 39.79 14.34
C LEU A 10 25.82 38.45 15.06
N VAL A 11 25.10 37.45 14.55
CA VAL A 11 25.11 36.13 15.18
C VAL A 11 26.45 35.44 14.97
N GLU A 12 27.03 35.62 13.79
CA GLU A 12 28.27 34.94 13.42
C GLU A 12 29.51 35.47 14.16
N LYS A 13 29.35 36.55 14.92
CA LYS A 13 30.38 37.03 15.82
C LYS A 13 30.51 36.14 17.05
N LEU A 14 29.42 35.45 17.39
CA LEU A 14 29.39 34.55 18.53
C LEU A 14 30.26 33.32 18.28
N PRO A 15 30.75 32.71 19.36
CA PRO A 15 31.68 31.58 19.19
C PRO A 15 30.96 30.47 18.45
N HIS A 16 31.68 29.82 17.55
CA HIS A 16 31.12 28.71 16.80
C HIS A 16 30.64 27.60 17.75
N GLU A 17 31.33 27.44 18.88
CA GLU A 17 31.00 26.39 19.86
C GLU A 17 29.63 26.58 20.48
N VAL A 18 29.28 27.82 20.75
CA VAL A 18 27.99 28.11 21.35
C VAL A 18 26.88 27.78 20.35
N LEU A 19 27.06 28.18 19.11
CA LEU A 19 26.11 27.86 18.05
C LEU A 19 26.01 26.35 17.80
N GLU A 20 27.11 25.64 18.04
CA GLU A 20 27.15 24.18 17.87
C GLU A 20 26.26 23.47 18.89
N LEU A 21 26.36 23.88 20.15
CA LEU A 21 25.56 23.29 21.22
C LEU A 21 24.06 23.49 21.00
N TYR A 22 23.70 24.68 20.52
CA TYR A 22 22.31 24.98 20.20
C TYR A 22 21.81 24.14 19.04
N LYS A 23 22.66 23.99 18.01
CA LYS A 23 22.29 23.14 16.87
C LYS A 23 22.11 21.67 17.28
N ASN A 24 22.92 21.20 18.22
CA ASN A 24 22.88 19.79 18.63
C ASN A 24 21.51 19.35 19.14
N VAL A 25 20.77 20.27 19.74
CA VAL A 25 19.49 19.92 20.34
C VAL A 25 18.34 20.26 19.40
N GLY A 26 18.69 20.57 18.16
CA GLY A 26 17.69 20.95 17.16
C GLY A 26 17.39 22.43 17.18
N GLY A 27 18.23 23.20 17.87
CA GLY A 27 18.08 24.65 17.92
C GLY A 27 18.19 25.26 16.54
N GLU A 28 17.25 26.15 16.18
CA GLU A 28 17.26 26.81 14.87
C GLU A 28 17.19 28.33 15.07
N ILE A 29 17.89 29.07 14.22
CA ILE A 29 17.89 30.53 14.29
C ILE A 29 17.18 31.06 13.07
N TYR A 30 16.12 31.84 13.28
CA TYR A 30 15.35 32.38 12.16
C TYR A 30 15.47 33.90 12.11
N ILE A 31 15.73 34.43 10.92
CA ILE A 31 15.84 35.86 10.73
C ILE A 31 14.66 36.31 9.87
N THR A 32 13.83 37.20 10.41
CA THR A 32 12.58 37.54 9.74
C THR A 32 12.32 39.04 9.60
N ASP A 33 11.71 39.43 8.49
CA ASP A 33 11.33 40.83 8.23
C ASP A 33 9.95 41.15 8.80
N LYS A 34 9.23 40.12 9.24
CA LYS A 34 7.89 40.33 9.79
C LYS A 34 7.92 40.39 11.31
N ARG A 35 6.76 40.65 11.91
CA ARG A 35 6.67 40.63 13.37
C ARG A 35 6.94 39.22 13.86
N LEU A 36 7.51 39.10 15.06
CA LEU A 36 7.82 37.79 15.61
C LEU A 36 6.55 36.94 15.67
N THR A 37 5.45 37.54 16.10
CA THR A 37 4.20 36.80 16.30
C THR A 37 3.54 36.34 15.00
N GLN A 38 4.08 36.78 13.86
CA GLN A 38 3.58 36.30 12.57
C GLN A 38 4.45 35.15 12.06
N HIS A 39 5.56 34.88 12.75
CA HIS A 39 6.43 33.80 12.32
C HIS A 39 5.78 32.45 12.58
N GLU A 40 6.11 31.50 11.71
CA GLU A 40 5.59 30.14 11.81
C GLU A 40 5.76 29.52 13.20
N GLU A 41 6.87 29.84 13.85
CA GLU A 41 7.24 29.19 15.11
C GLU A 41 6.43 29.72 16.28
N LEU A 42 5.89 30.92 16.12
CA LEU A 42 5.12 31.54 17.18
C LEU A 42 3.66 31.67 16.73
N SER A 43 3.08 30.56 16.29
CA SER A 43 1.70 30.59 15.76
C SER A 43 0.67 30.35 16.85
N ASP A 44 0.97 29.44 17.77
CA ASP A 44 0.06 29.11 18.86
C ASP A 44 -0.69 30.35 19.35
N SER A 45 -2.00 30.19 19.54
CA SER A 45 -2.86 31.28 19.96
C SER A 45 -2.35 31.96 21.23
N SER A 46 -1.53 31.24 21.98
CA SER A 46 -1.00 31.75 23.25
C SER A 46 0.00 32.89 23.04
N HIS A 47 0.84 32.75 22.01
CA HIS A 47 1.86 33.77 21.71
C HIS A 47 1.25 35.14 21.41
N LYS A 48 -0.05 35.19 21.18
CA LYS A 48 -0.73 36.45 20.90
C LYS A 48 -0.69 37.41 22.08
N ASP A 49 -1.15 36.96 23.25
CA ASP A 49 -1.14 37.82 24.44
C ASP A 49 0.07 37.60 25.35
N MET A 50 1.23 37.32 24.75
CA MET A 50 2.44 37.10 25.54
C MET A 50 3.28 38.35 25.66
N PHE A 51 4.01 38.44 26.79
CA PHE A 51 4.94 39.52 27.04
C PHE A 51 6.33 38.97 27.27
N ILE A 52 7.31 39.81 26.96
CA ILE A 52 8.70 39.50 27.19
C ILE A 52 9.30 40.57 28.06
N VAL A 53 10.42 40.22 28.68
CA VAL A 53 11.16 41.17 29.48
C VAL A 53 12.58 41.31 28.91
N SER A 54 12.96 42.55 28.63
CA SER A 54 14.29 42.85 28.06
C SER A 54 15.40 42.68 29.10
N SER A 55 16.66 42.74 28.65
CA SER A 55 17.80 42.56 29.55
C SER A 55 17.75 43.51 30.76
N GLU A 56 17.18 44.70 30.57
CA GLU A 56 17.11 45.69 31.63
C GLU A 56 15.80 45.64 32.43
N GLY A 57 14.98 44.63 32.18
CA GLY A 57 13.79 44.42 32.99
C GLY A 57 12.56 45.14 32.46
N LYS A 58 12.58 45.57 31.22
CA LYS A 58 11.40 46.25 30.66
C LYS A 58 10.47 45.28 29.93
N SER A 59 9.17 45.40 30.19
CA SER A 59 8.17 44.50 29.59
C SER A 59 7.63 45.05 28.28
N PHE A 60 7.59 44.20 27.26
CA PHE A 60 6.96 44.56 26.00
C PHE A 60 6.09 43.41 25.54
N PRO A 61 5.05 43.73 24.76
CA PRO A 61 4.32 42.66 24.08
C PRO A 61 5.29 41.95 23.12
N LEU A 62 5.23 40.63 23.09
CA LEU A 62 6.04 39.85 22.16
C LEU A 62 5.93 40.39 20.74
N ARG A 63 4.71 40.71 20.34
CA ARG A 63 4.42 41.27 19.03
C ARG A 63 5.22 42.54 18.70
N GLU A 64 5.64 43.27 19.74
CA GLU A 64 6.30 44.56 19.55
C GLU A 64 7.82 44.45 19.60
N HIS A 65 8.32 43.27 19.97
CA HIS A 65 9.73 43.14 20.26
C HIS A 65 10.48 42.58 19.05
N PHE A 66 11.81 42.56 19.09
CA PHE A 66 12.58 42.20 17.91
C PHE A 66 13.41 40.92 18.03
N VAL A 67 13.37 40.28 19.19
CA VAL A 67 14.03 38.97 19.33
C VAL A 67 13.40 38.15 20.44
N PHE A 68 13.31 36.83 20.23
CA PHE A 68 12.68 35.93 21.18
C PHE A 68 13.28 34.53 21.05
N ALA A 69 13.76 33.99 22.18
CA ALA A 69 14.16 32.58 22.27
C ALA A 69 12.95 31.76 22.68
N LYS A 70 12.41 31.01 21.73
CA LYS A 70 11.34 30.06 22.02
C LYS A 70 11.94 28.78 22.60
N GLY A 71 11.58 28.43 23.83
CA GLY A 71 12.17 27.28 24.49
C GLY A 71 11.38 26.01 24.20
N GLY A 72 11.60 24.97 24.99
CA GLY A 72 10.82 23.74 24.83
C GLY A 72 11.53 22.66 24.03
N LYS A 73 10.75 21.83 23.36
CA LYS A 73 11.28 20.62 22.75
C LYS A 73 11.79 20.86 21.35
N GLU A 74 11.47 22.02 20.79
CA GLU A 74 11.98 22.45 19.51
C GLU A 74 12.41 23.92 19.60
N PRO A 75 13.55 24.18 20.26
CA PRO A 75 14.00 25.54 20.52
C PRO A 75 14.26 26.33 19.23
N SER A 76 13.87 27.60 19.22
CA SER A 76 14.07 28.45 18.07
C SER A 76 14.43 29.82 18.60
N LEU A 77 15.35 30.50 17.93
CA LEU A 77 15.64 31.90 18.20
C LEU A 77 15.17 32.70 17.00
N ILE A 78 14.14 33.52 17.20
CA ILE A 78 13.57 34.34 16.14
C ILE A 78 14.10 35.76 16.31
N ILE A 79 14.65 36.32 15.23
CA ILE A 79 15.24 37.65 15.29
C ILE A 79 14.69 38.53 14.19
N HIS A 80 14.17 39.69 14.55
CA HIS A 80 13.75 40.64 13.54
C HIS A 80 14.98 41.24 12.87
N ALA A 81 15.03 41.19 11.55
CA ALA A 81 16.18 41.72 10.82
C ALA A 81 16.26 43.23 10.98
N GLU A 82 17.44 43.71 11.35
CA GLU A 82 17.68 45.13 11.55
C GLU A 82 19.16 45.42 11.32
N ASP A 83 19.51 46.69 11.47
CA ASP A 83 20.87 47.16 11.38
C ASP A 83 21.77 46.43 12.37
N TYR A 84 21.37 46.45 13.64
CA TYR A 84 22.19 45.93 14.73
C TYR A 84 23.58 46.57 14.84
N ALA A 85 23.72 47.77 14.28
CA ALA A 85 24.89 48.60 14.57
C ALA A 85 24.71 49.11 15.99
N SER A 86 23.45 49.38 16.32
CA SER A 86 23.07 49.80 17.68
C SER A 86 23.45 48.76 18.70
N HIS A 87 24.28 49.13 19.68
CA HIS A 87 24.63 48.21 20.76
C HIS A 87 23.47 47.91 21.71
N LEU A 88 22.56 48.86 21.88
CA LEU A 88 21.36 48.63 22.69
C LEU A 88 20.53 47.51 22.12
N SER A 89 20.53 47.39 20.80
CA SER A 89 19.79 46.33 20.14
C SER A 89 20.53 44.99 20.15
N SER A 90 21.83 45.04 19.85
CA SER A 90 22.66 43.83 19.78
C SER A 90 22.70 43.11 21.10
N VAL A 91 22.77 43.87 22.18
CA VAL A 91 22.86 43.26 23.50
C VAL A 91 21.60 42.41 23.82
N GLU A 92 20.42 42.84 23.35
CA GLU A 92 19.20 42.05 23.54
C GLU A 92 19.22 40.74 22.79
N VAL A 93 19.74 40.74 21.57
CA VAL A 93 19.88 39.48 20.82
C VAL A 93 20.77 38.48 21.54
N TYR A 94 21.90 38.96 22.07
CA TYR A 94 22.85 38.09 22.77
C TYR A 94 22.27 37.60 24.09
N TYR A 95 21.49 38.46 24.72
CA TYR A 95 20.73 38.10 25.91
C TYR A 95 19.75 36.93 25.65
N GLU A 96 18.94 37.00 24.58
CA GLU A 96 18.01 35.90 24.30
C GLU A 96 18.75 34.64 23.89
N LEU A 97 19.87 34.82 23.19
CA LEU A 97 20.69 33.69 22.80
C LEU A 97 21.28 33.02 24.04
N GLY A 98 21.83 33.83 24.95
CA GLY A 98 22.23 33.37 26.27
C GLY A 98 21.17 32.57 27.01
N LYS A 99 19.95 33.08 27.02
CA LYS A 99 18.84 32.35 27.59
C LYS A 99 18.61 31.04 26.84
N ALA A 100 18.68 31.06 25.52
CA ALA A 100 18.48 29.84 24.75
C ALA A 100 19.51 28.79 25.17
N ILE A 101 20.72 29.25 25.49
CA ILE A 101 21.77 28.34 25.90
C ILE A 101 21.50 27.74 27.29
N ILE A 102 21.34 28.61 28.27
CA ILE A 102 21.26 28.12 29.65
C ILE A 102 19.91 27.45 29.96
N ARG A 103 18.86 27.86 29.25
CA ARG A 103 17.51 27.31 29.49
C ARG A 103 17.14 26.09 28.62
N ASP A 104 17.56 26.12 27.35
CA ASP A 104 17.06 25.19 26.34
C ASP A 104 18.06 24.14 25.85
N THR A 105 19.35 24.33 26.13
CA THR A 105 20.34 23.43 25.54
C THR A 105 21.03 22.51 26.55
N PHE A 106 20.91 21.22 26.31
CA PHE A 106 21.61 20.20 27.06
C PHE A 106 23.04 20.13 26.54
N PRO A 107 24.03 19.94 27.44
CA PRO A 107 23.86 19.66 28.87
C PRO A 107 23.83 20.89 29.79
N LEU A 108 24.03 22.10 29.26
CA LEU A 108 24.08 23.25 30.13
C LEU A 108 22.79 23.44 30.94
N ASN A 109 21.64 23.19 30.32
CA ASN A 109 20.38 23.42 31.02
C ASN A 109 20.03 22.38 32.08
N GLN A 110 20.96 21.48 32.36
CA GLN A 110 20.75 20.47 33.38
C GLN A 110 21.64 20.63 34.59
N LYS A 111 22.87 21.05 34.36
CA LYS A 111 23.90 21.02 35.38
C LYS A 111 24.47 22.40 35.72
N GLU A 112 24.52 23.29 34.73
CA GLU A 112 25.34 24.48 34.85
C GLU A 112 25.03 25.37 36.05
N LEU A 113 23.76 25.68 36.28
CA LEU A 113 23.47 26.66 37.32
C LEU A 113 23.71 26.13 38.75
N GLY A 114 23.78 24.81 38.89
CA GLY A 114 24.14 24.19 40.16
C GLY A 114 25.63 23.90 40.28
N ASN A 115 26.36 24.17 39.21
CA ASN A 115 27.81 24.01 39.14
C ASN A 115 28.53 24.94 40.12
N PRO A 116 29.49 24.41 40.89
CA PRO A 116 30.29 25.24 41.80
C PRO A 116 30.75 26.54 41.14
N LYS A 117 31.10 26.48 39.87
CA LYS A 117 31.64 27.65 39.17
C LYS A 117 30.62 28.78 39.11
N PHE A 118 29.38 28.45 38.77
CA PHE A 118 28.34 29.47 38.73
C PHE A 118 28.03 29.98 40.14
N ILE A 119 27.76 29.06 41.05
CA ILE A 119 27.43 29.41 42.42
C ILE A 119 28.53 30.24 43.09
N ASN A 120 29.78 29.89 42.82
CA ASN A 120 30.91 30.64 43.39
C ASN A 120 30.97 32.05 42.85
N ALA A 121 30.80 32.19 41.54
CA ALA A 121 30.82 33.48 40.90
C ALA A 121 29.69 34.36 41.40
N ILE A 122 28.49 33.78 41.50
CA ILE A 122 27.33 34.52 42.00
C ILE A 122 27.49 34.95 43.46
N ASN A 123 28.02 34.07 44.31
CA ASN A 123 28.27 34.45 45.71
C ASN A 123 29.26 35.60 45.86
N GLU A 124 30.33 35.57 45.07
CA GLU A 124 31.35 36.62 45.13
C GLU A 124 30.76 37.97 44.70
N VAL A 125 29.98 37.98 43.63
CA VAL A 125 29.36 39.22 43.21
C VAL A 125 28.41 39.74 44.29
N ASN A 126 27.67 38.81 44.90
CA ASN A 126 26.73 39.16 45.95
C ASN A 126 27.40 39.63 47.25
N GLN A 127 28.72 39.51 47.33
CA GLN A 127 29.45 39.83 48.55
C GLN A 127 30.47 40.95 48.38
N GLN A 128 30.46 41.59 47.21
CA GLN A 128 31.39 42.69 46.92
C GLN A 128 31.30 43.78 47.96
N LYS A 129 32.45 44.33 48.34
CA LYS A 129 32.53 45.38 49.34
C LYS A 129 33.16 46.64 48.78
N GLU A 130 32.74 47.79 49.32
CA GLU A 130 33.31 49.09 48.93
C GLU A 130 34.66 49.29 49.61
N GLY A 131 34.66 49.26 50.94
CA GLY A 131 35.89 49.43 51.71
C GLY A 131 36.68 48.14 51.79
N LYS A 132 37.80 48.18 52.51
CA LYS A 132 38.64 47.00 52.64
C LYS A 132 38.85 46.59 54.10
N GLY A 133 38.46 47.46 55.02
CA GLY A 133 38.63 47.20 56.44
C GLY A 133 37.37 46.69 57.12
N VAL A 134 37.32 46.83 58.44
CA VAL A 134 36.17 46.42 59.23
C VAL A 134 34.93 47.27 58.91
N ASN A 135 33.77 46.63 58.87
CA ASN A 135 32.49 47.29 58.61
C ASN A 135 32.46 48.07 57.29
N ALA A 136 33.11 47.51 56.27
CA ALA A 136 33.10 48.12 54.94
C ALA A 136 31.69 48.11 54.37
N LYS A 137 31.33 49.19 53.70
CA LYS A 137 29.99 49.32 53.15
C LYS A 137 29.77 48.29 52.05
N ALA A 138 28.55 47.79 51.95
CA ALA A 138 28.21 46.85 50.90
C ALA A 138 28.32 47.55 49.55
N ASP A 139 28.88 46.86 48.57
CA ASP A 139 28.92 47.34 47.20
C ASP A 139 27.86 46.65 46.36
N GLU A 140 26.82 47.39 46.00
CA GLU A 140 25.68 46.83 45.29
C GLU A 140 25.83 46.87 43.77
N ASP A 141 27.03 47.21 43.29
CA ASP A 141 27.23 47.44 41.87
C ASP A 141 27.02 46.20 40.98
N GLY A 142 27.43 45.04 41.48
CA GLY A 142 27.26 43.81 40.72
C GLY A 142 25.81 43.38 40.69
N ARG A 143 25.15 43.47 41.85
CA ARG A 143 23.75 43.12 41.95
C ARG A 143 22.91 44.06 41.10
N ASP A 144 23.24 45.34 41.11
CA ASP A 144 22.49 46.31 40.33
C ASP A 144 22.67 46.06 38.82
N LEU A 145 23.85 45.61 38.42
CA LEU A 145 24.12 45.35 37.00
C LEU A 145 23.42 44.09 36.49
N LEU A 146 23.37 43.04 37.30
CA LEU A 146 23.01 41.72 36.81
C LEU A 146 21.73 41.10 37.38
N PHE A 147 21.44 41.38 38.65
CA PHE A 147 20.31 40.75 39.32
C PHE A 147 19.00 41.40 38.93
N GLY A 148 17.98 40.60 38.66
CA GLY A 148 16.67 41.13 38.33
C GLY A 148 16.00 41.70 39.56
N LYS A 149 14.93 42.46 39.35
CA LYS A 149 14.17 43.06 40.44
C LYS A 149 13.74 42.02 41.46
N GLU A 150 12.98 41.02 41.02
CA GLU A 150 12.50 39.99 41.95
C GLU A 150 13.63 39.28 42.71
N LEU A 151 14.71 38.93 42.01
CA LEU A 151 15.87 38.31 42.66
C LEU A 151 16.50 39.19 43.74
N LYS A 152 16.55 40.50 43.50
CA LYS A 152 17.08 41.43 44.50
C LYS A 152 16.17 41.48 45.72
N LYS A 153 14.88 41.17 45.51
CA LYS A 153 13.92 41.14 46.60
C LYS A 153 14.06 39.86 47.43
N ASN A 154 14.34 38.75 46.76
CA ASN A 154 14.41 37.45 47.44
C ASN A 154 15.79 37.11 47.99
N LEU A 155 16.80 37.85 47.54
CA LEU A 155 18.18 37.61 47.96
C LEU A 155 18.79 38.92 48.39
N GLU A 156 19.28 38.99 49.62
CA GLU A 156 19.93 40.22 50.08
C GLU A 156 21.43 40.16 49.81
N HIS A 157 22.06 41.32 49.81
CA HIS A 157 23.51 41.40 49.66
C HIS A 157 24.21 40.68 50.82
N GLY A 158 25.19 39.86 50.49
CA GLY A 158 25.94 39.13 51.50
C GLY A 158 25.30 37.79 51.81
N GLN A 159 23.99 37.69 51.57
CA GLN A 159 23.28 36.44 51.76
C GLN A 159 23.88 35.39 50.85
N LEU A 160 23.84 34.14 51.30
CA LEU A 160 24.51 33.06 50.58
C LEU A 160 23.58 32.34 49.61
N VAL A 161 24.11 32.03 48.43
CA VAL A 161 23.38 31.30 47.42
C VAL A 161 23.82 29.84 47.39
N ASP A 162 22.85 28.93 47.49
CA ASP A 162 23.14 27.50 47.39
C ASP A 162 22.17 26.86 46.40
N LEU A 163 22.25 25.54 46.25
CA LEU A 163 21.47 24.85 45.23
C LEU A 163 19.96 24.99 45.40
N ASP A 164 19.49 25.08 46.63
CA ASP A 164 18.06 25.16 46.87
C ASP A 164 17.51 26.55 46.56
N LEU A 165 18.36 27.57 46.67
CA LEU A 165 17.97 28.92 46.30
C LEU A 165 17.90 29.05 44.78
N ILE A 166 18.85 28.41 44.10
CA ILE A 166 18.84 28.36 42.64
C ILE A 166 17.58 27.66 42.10
N SER A 167 17.27 26.51 42.70
CA SER A 167 16.13 25.71 42.27
C SER A 167 14.79 26.41 42.48
N GLY A 168 14.69 27.24 43.51
CA GLY A 168 13.46 27.95 43.80
C GLY A 168 13.31 29.24 43.01
N ASN A 169 14.41 29.71 42.43
CA ASN A 169 14.41 30.94 41.66
C ASN A 169 15.06 30.75 40.30
N LEU A 170 14.68 29.68 39.61
CA LEU A 170 15.38 29.23 38.42
C LEU A 170 15.49 30.26 37.31
N SER A 171 14.35 30.82 36.91
CA SER A 171 14.35 31.77 35.80
C SER A 171 15.17 33.02 36.15
N GLU A 172 15.20 33.37 37.43
CA GLU A 172 15.93 34.55 37.85
C GLU A 172 17.43 34.34 37.74
N PHE A 173 17.88 33.11 37.93
CA PHE A 173 19.32 32.83 37.83
C PHE A 173 19.71 32.58 36.38
N GLN A 174 18.76 32.09 35.58
CA GLN A 174 18.95 32.00 34.13
C GLN A 174 19.12 33.39 33.54
N HIS A 175 18.40 34.37 34.10
CA HIS A 175 18.57 35.76 33.69
C HIS A 175 19.98 36.24 33.98
N VAL A 176 20.45 36.02 35.21
CA VAL A 176 21.80 36.39 35.56
C VAL A 176 22.81 35.79 34.59
N PHE A 177 22.67 34.50 34.29
CA PHE A 177 23.56 33.85 33.32
C PHE A 177 23.48 34.52 31.95
N ALA A 178 22.26 34.70 31.44
CA ALA A 178 22.09 35.24 30.09
C ALA A 178 22.58 36.69 29.97
N LYS A 179 22.39 37.47 31.03
CA LYS A 179 22.82 38.86 30.99
C LYS A 179 24.34 38.96 31.08
N SER A 180 24.98 38.10 31.88
CA SER A 180 26.44 38.02 31.92
C SER A 180 26.97 37.68 30.54
N PHE A 181 26.33 36.70 29.90
CA PHE A 181 26.66 36.25 28.57
C PHE A 181 26.53 37.41 27.57
N ALA A 182 25.39 38.08 27.59
CA ALA A 182 25.16 39.20 26.71
C ALA A 182 26.19 40.32 26.90
N LEU A 183 26.48 40.67 28.15
CA LEU A 183 27.38 41.80 28.39
C LEU A 183 28.79 41.42 28.02
N TYR A 184 29.15 40.15 28.22
CA TYR A 184 30.49 39.68 27.89
C TYR A 184 30.71 39.74 26.38
N TYR A 185 29.70 39.36 25.62
CA TYR A 185 29.87 39.23 24.17
C TYR A 185 29.66 40.50 23.34
N GLU A 186 28.92 41.45 23.89
CA GLU A 186 28.74 42.74 23.22
C GLU A 186 29.91 43.63 23.63
N PRO A 187 30.75 44.03 22.65
CA PRO A 187 32.03 44.64 22.99
C PRO A 187 31.90 45.90 23.83
N HIS A 188 30.79 46.61 23.71
CA HIS A 188 30.69 47.87 24.44
C HIS A 188 29.98 47.75 25.78
N TYR A 189 29.75 46.50 26.21
CA TYR A 189 29.23 46.22 27.54
C TYR A 189 30.22 45.42 28.39
N LYS A 190 31.20 44.82 27.71
CA LYS A 190 32.15 43.92 28.33
C LYS A 190 32.94 44.56 29.47
N GLU A 191 33.40 45.79 29.27
CA GLU A 191 34.23 46.45 30.27
C GLU A 191 33.47 46.74 31.57
N ALA A 192 32.19 47.08 31.42
CA ALA A 192 31.32 47.29 32.59
C ALA A 192 31.07 46.01 33.39
N LEU A 193 30.82 44.90 32.69
CA LEU A 193 30.74 43.60 33.35
C LEU A 193 32.02 43.36 34.18
N LYS A 194 33.17 43.59 33.56
CA LYS A 194 34.45 43.38 34.22
C LYS A 194 34.63 44.29 35.42
N SER A 195 34.28 45.56 35.26
CA SER A 195 34.41 46.54 36.33
C SER A 195 33.50 46.28 37.51
N TYR A 196 32.23 45.98 37.23
CA TYR A 196 31.21 45.96 38.28
C TYR A 196 30.83 44.57 38.84
N ALA A 197 31.12 43.51 38.10
CA ALA A 197 30.86 42.15 38.60
C ALA A 197 31.97 41.21 38.18
N PRO A 198 33.20 41.51 38.61
CA PRO A 198 34.39 40.78 38.17
C PRO A 198 34.26 39.27 38.27
N ALA A 199 33.63 38.77 39.33
CA ALA A 199 33.48 37.33 39.51
C ALA A 199 32.68 36.68 38.38
N LEU A 200 31.64 37.37 37.91
CA LEU A 200 30.84 36.81 36.82
C LEU A 200 31.49 37.07 35.46
N PHE A 201 32.30 38.11 35.36
CA PHE A 201 33.13 38.30 34.16
C PHE A 201 34.06 37.10 33.97
N ASN A 202 34.81 36.76 35.02
CA ASN A 202 35.77 35.67 34.94
C ASN A 202 35.11 34.33 34.66
N TYR A 203 33.93 34.12 35.25
CA TYR A 203 33.12 32.94 34.99
C TYR A 203 32.81 32.84 33.49
N MET A 204 32.41 33.94 32.87
CA MET A 204 32.07 33.90 31.45
C MET A 204 33.32 33.81 30.60
N LEU A 205 34.40 34.42 31.06
CA LEU A 205 35.68 34.38 30.33
C LEU A 205 36.17 32.94 30.19
N GLU A 206 36.06 32.18 31.28
CA GLU A 206 36.42 30.76 31.23
C GLU A 206 35.55 29.95 30.27
N LEU A 207 34.24 30.17 30.31
CA LEU A 207 33.37 29.53 29.34
C LEU A 207 33.77 29.88 27.91
N ASP A 208 33.98 31.17 27.67
CA ASP A 208 34.30 31.66 26.34
C ASP A 208 35.65 31.12 25.84
N GLN A 209 36.62 31.10 26.74
CA GLN A 209 37.99 30.80 26.34
C GLN A 209 38.37 29.32 26.36
N MET A 210 37.52 28.49 26.95
CA MET A 210 37.82 27.06 26.98
C MET A 210 36.63 26.13 27.22
N ARG A 211 35.77 26.47 28.19
CA ARG A 211 34.80 25.50 28.68
C ARG A 211 33.55 25.28 27.82
N PHE A 212 33.07 26.31 27.12
CA PHE A 212 32.08 26.05 26.06
C PHE A 212 32.65 24.99 25.12
N LYS A 213 33.87 25.22 24.67
CA LYS A 213 34.54 24.32 23.74
C LYS A 213 34.64 22.90 24.32
N GLU A 214 34.96 22.80 25.60
CA GLU A 214 35.13 21.51 26.28
C GLU A 214 33.79 20.75 26.35
N ILE A 215 32.75 21.48 26.70
CA ILE A 215 31.41 20.90 26.72
C ILE A 215 31.02 20.44 25.32
N SER A 216 31.35 21.25 24.32
CA SER A 216 30.99 20.93 22.93
C SER A 216 31.73 19.69 22.40
N ASP A 217 33.03 19.59 22.65
CA ASP A 217 33.79 18.44 22.18
C ASP A 217 33.28 17.16 22.84
N ASP A 218 32.91 17.27 24.11
CA ASP A 218 32.39 16.13 24.86
C ASP A 218 31.06 15.63 24.26
N VAL A 219 30.19 16.55 23.85
CA VAL A 219 28.98 16.20 23.11
C VAL A 219 29.32 15.49 21.81
N LYS A 220 30.28 16.05 21.04
CA LYS A 220 30.70 15.43 19.77
C LYS A 220 31.18 14.01 19.99
N GLU A 221 31.96 13.82 21.04
CA GLU A 221 32.46 12.50 21.37
C GLU A 221 31.30 11.55 21.64
N LYS A 222 30.34 11.96 22.47
CA LYS A 222 29.23 11.08 22.78
C LYS A 222 28.42 10.74 21.53
N ASN A 223 28.15 11.73 20.70
CA ASN A 223 27.41 11.48 19.47
C ASN A 223 28.08 10.50 18.54
N LYS A 224 29.39 10.28 18.71
CA LYS A 224 30.11 9.31 17.87
C LYS A 224 29.80 7.88 18.28
N ASN A 225 29.41 7.69 19.54
CA ASN A 225 29.12 6.37 20.07
C ASN A 225 27.63 5.98 20.00
N VAL A 226 26.74 6.93 20.26
CA VAL A 226 25.30 6.62 20.23
C VAL A 226 24.49 7.83 19.82
N LEU A 227 23.32 7.58 19.25
CA LEU A 227 22.41 8.63 18.84
C LEU A 227 21.31 8.72 19.91
N ASP A 228 21.17 9.89 20.52
CA ASP A 228 20.28 10.08 21.64
C ASP A 228 19.58 11.44 21.50
N PHE A 229 18.29 11.41 21.21
CA PHE A 229 17.55 12.65 20.96
C PHE A 229 17.08 13.34 22.24
N LYS A 230 17.23 12.66 23.38
CA LYS A 230 16.69 13.21 24.65
C LYS A 230 15.21 13.55 24.48
N TRP A 231 14.78 14.72 24.98
CA TRP A 231 13.36 15.06 24.91
C TRP A 231 13.03 15.92 23.69
N TYR A 232 14.05 16.19 22.86
CA TYR A 232 13.92 17.15 21.78
C TYR A 232 13.34 16.47 20.55
N THR A 233 12.38 17.12 19.90
CA THR A 233 11.64 16.40 18.86
C THR A 233 12.00 16.76 17.43
N ARG A 234 12.65 17.91 17.22
CA ARG A 234 12.86 18.40 15.87
C ARG A 234 13.77 17.50 15.05
N LYS A 235 14.96 17.22 15.56
CA LYS A 235 15.89 16.32 14.85
C LYS A 235 15.40 14.88 14.84
N ALA A 236 14.79 14.45 15.94
CA ALA A 236 14.22 13.10 16.03
C ALA A 236 13.21 12.82 14.91
N GLU A 237 12.23 13.69 14.75
CA GLU A 237 11.22 13.48 13.72
C GLU A 237 11.84 13.46 12.32
N SER A 238 12.79 14.36 12.08
CA SER A 238 13.49 14.39 10.79
C SER A 238 14.26 13.10 10.51
N TRP A 239 14.99 12.62 11.51
CA TRP A 239 15.73 11.37 11.38
C TRP A 239 14.76 10.18 11.18
N GLY A 240 13.71 10.09 11.99
CA GLY A 240 12.77 8.99 11.90
C GLY A 240 12.13 8.89 10.52
N VAL A 241 11.62 10.01 10.03
CA VAL A 241 10.94 10.03 8.74
C VAL A 241 11.89 9.69 7.61
N GLN A 242 13.07 10.31 7.61
CA GLN A 242 13.99 10.12 6.50
C GLN A 242 14.59 8.71 6.49
N THR A 243 14.93 8.20 7.65
CA THR A 243 15.65 6.94 7.74
C THR A 243 14.78 5.73 7.38
N PHE A 244 13.47 5.85 7.57
CA PHE A 244 12.58 4.70 7.37
C PHE A 244 11.63 4.91 6.20
N LYS A 245 11.85 5.99 5.47
CA LYS A 245 11.03 6.30 4.28
C LYS A 245 11.05 5.16 3.28
N ASN A 246 12.24 4.67 2.93
CA ASN A 246 12.34 3.56 2.00
C ASN A 246 11.61 2.31 2.50
N TRP A 247 11.82 1.96 3.76
CA TRP A 247 11.17 0.79 4.34
C TRP A 247 9.65 0.92 4.21
N LYS A 248 9.13 2.10 4.50
CA LYS A 248 7.69 2.34 4.46
C LYS A 248 7.11 2.10 3.06
N GLU A 249 7.87 2.45 2.01
CA GLU A 249 7.43 2.21 0.63
C GLU A 249 7.48 0.73 0.25
N ASN A 250 8.12 -0.07 1.10
CA ASN A 250 8.33 -1.49 0.79
C ASN A 250 7.44 -2.40 1.64
N LEU A 251 6.46 -1.80 2.29
CA LEU A 251 5.47 -2.52 3.06
C LEU A 251 4.27 -2.91 2.20
N THR A 252 3.62 -4.01 2.55
CA THR A 252 2.35 -4.35 1.93
C THR A 252 1.21 -3.60 2.63
N ILE A 253 0.05 -3.58 1.99
CA ILE A 253 -1.14 -2.99 2.61
C ILE A 253 -1.47 -3.64 3.95
N SER A 254 -1.44 -4.98 3.99
CA SER A 254 -1.69 -5.73 5.22
C SER A 254 -0.71 -5.35 6.32
N GLU A 255 0.57 -5.27 5.98
CA GLU A 255 1.60 -4.87 6.95
C GLU A 255 1.33 -3.46 7.47
N LYS A 256 1.03 -2.52 6.60
CA LYS A 256 0.75 -1.17 7.11
C LYS A 256 -0.47 -1.17 8.01
N ASP A 257 -1.52 -1.90 7.62
CA ASP A 257 -2.75 -1.95 8.43
C ASP A 257 -2.48 -2.46 9.83
N ILE A 258 -1.70 -3.53 9.95
CA ILE A 258 -1.48 -4.10 11.29
C ILE A 258 -0.53 -3.26 12.15
N ILE A 259 0.44 -2.60 11.52
CA ILE A 259 1.26 -1.63 12.25
C ILE A 259 0.38 -0.59 12.91
N THR A 260 -0.53 -0.02 12.12
CA THR A 260 -1.50 0.93 12.66
C THR A 260 -2.37 0.28 13.73
N GLY A 261 -2.94 -0.88 13.42
CA GLY A 261 -3.84 -1.52 14.37
C GLY A 261 -3.16 -1.83 15.69
N TYR A 262 -1.89 -2.23 15.58
CA TYR A 262 -1.10 -2.60 16.73
C TYR A 262 -0.88 -1.43 17.70
N THR A 263 -0.82 -0.20 17.20
CA THR A 263 -0.68 0.96 18.07
C THR A 263 -2.03 1.30 18.70
N GLY A 264 -3.07 0.64 18.22
CA GLY A 264 -4.43 0.79 18.74
C GLY A 264 -4.92 -0.49 19.43
N SER A 265 -6.10 -0.95 19.05
CA SER A 265 -6.78 -2.03 19.76
C SER A 265 -6.14 -3.43 19.66
N LYS A 266 -5.20 -3.59 18.73
CA LYS A 266 -4.57 -4.90 18.55
C LYS A 266 -3.41 -5.09 19.54
N TYR A 267 -3.00 -3.99 20.16
CA TYR A 267 -1.82 -4.04 21.03
C TYR A 267 -1.88 -5.16 22.08
N ASP A 268 -2.91 -5.15 22.91
CA ASP A 268 -2.99 -6.06 24.06
C ASP A 268 -3.15 -7.52 23.65
N PRO A 269 -4.10 -7.82 22.77
CA PRO A 269 -4.27 -9.23 22.38
C PRO A 269 -2.97 -9.81 21.78
N ILE A 270 -2.24 -8.99 21.04
CA ILE A 270 -1.01 -9.48 20.42
C ILE A 270 0.07 -9.74 21.46
N ASN A 271 0.31 -8.76 22.32
CA ASN A 271 1.40 -8.88 23.28
C ASN A 271 1.10 -9.90 24.37
N GLU A 272 -0.18 -10.04 24.72
CA GLU A 272 -0.58 -11.07 25.69
C GLU A 272 -0.35 -12.48 25.16
N TYR A 273 -0.75 -12.70 23.91
CA TYR A 273 -0.51 -13.96 23.23
C TYR A 273 1.00 -14.32 23.24
N LEU A 274 1.81 -13.35 22.88
CA LEU A 274 3.26 -13.53 22.77
C LEU A 274 3.92 -13.84 24.11
N ARG A 275 3.44 -13.22 25.17
CA ARG A 275 4.04 -13.42 26.49
C ARG A 275 3.56 -14.71 27.18
N LYS A 276 2.55 -15.35 26.60
CA LYS A 276 1.87 -16.50 27.22
C LYS A 276 2.68 -17.41 28.16
N TYR A 277 3.68 -18.10 27.63
CA TYR A 277 4.42 -19.07 28.45
C TYR A 277 5.85 -18.65 28.75
N ASP A 278 6.13 -17.36 28.60
CA ASP A 278 7.46 -16.83 28.87
C ASP A 278 8.50 -17.63 28.07
N GLY A 279 8.20 -17.88 26.79
CA GLY A 279 9.17 -18.44 25.86
C GLY A 279 9.30 -19.95 25.86
N GLU A 280 8.72 -20.58 26.87
CA GLU A 280 8.69 -22.04 26.91
C GLU A 280 7.71 -22.56 25.87
N ILE A 281 8.06 -23.67 25.23
CA ILE A 281 7.19 -24.26 24.24
C ILE A 281 6.28 -25.30 24.90
N ILE A 282 5.01 -24.93 25.09
CA ILE A 282 4.04 -25.80 25.75
C ILE A 282 2.79 -25.94 24.88
N PRO A 283 2.78 -26.92 23.97
CA PRO A 283 1.65 -27.06 23.03
C PRO A 283 0.33 -27.38 23.74
N ASN A 284 -0.76 -26.78 23.26
CA ASN A 284 -2.09 -27.13 23.76
C ASN A 284 -2.68 -28.28 22.95
N ILE A 285 -2.92 -29.41 23.61
CA ILE A 285 -3.29 -30.63 22.92
C ILE A 285 -4.50 -31.32 23.54
N GLY A 286 -5.50 -31.59 22.71
CA GLY A 286 -6.69 -32.31 23.12
C GLY A 286 -7.83 -31.30 23.15
N GLY A 287 -9.01 -31.72 22.73
CA GLY A 287 -10.11 -30.79 22.61
C GLY A 287 -9.84 -29.74 21.56
N ASP A 288 -10.75 -28.78 21.44
CA ASP A 288 -10.67 -27.74 20.41
C ASP A 288 -11.32 -26.46 20.92
N LEU A 289 -10.97 -25.34 20.32
CA LEU A 289 -11.57 -24.05 20.67
C LEU A 289 -12.89 -23.90 19.95
N ASP A 290 -13.88 -23.33 20.64
CA ASP A 290 -15.14 -23.00 19.96
C ASP A 290 -14.83 -22.11 18.76
N LYS A 291 -15.75 -22.03 17.81
CA LYS A 291 -15.48 -21.40 16.52
C LYS A 291 -15.00 -19.94 16.60
N LYS A 292 -15.57 -19.17 17.52
CA LYS A 292 -15.20 -17.76 17.65
C LYS A 292 -13.81 -17.58 18.26
N SER A 293 -13.50 -18.36 19.29
CA SER A 293 -12.19 -18.28 19.90
C SER A 293 -11.11 -18.74 18.91
N LYS A 294 -11.43 -19.75 18.11
CA LYS A 294 -10.48 -20.24 17.12
C LYS A 294 -10.23 -19.19 16.06
N LYS A 295 -11.30 -18.55 15.59
CA LYS A 295 -11.18 -17.51 14.59
C LYS A 295 -10.37 -16.34 15.14
N ALA A 296 -10.65 -15.97 16.39
CA ALA A 296 -9.90 -14.87 17.02
C ALA A 296 -8.40 -15.19 17.13
N LEU A 297 -8.08 -16.43 17.49
CA LEU A 297 -6.69 -16.85 17.64
C LEU A 297 -5.96 -16.84 16.29
N GLU A 298 -6.62 -17.36 15.26
CA GLU A 298 -6.04 -17.37 13.91
C GLU A 298 -5.77 -15.95 13.44
N LYS A 299 -6.66 -15.04 13.80
CA LYS A 299 -6.51 -13.64 13.40
C LYS A 299 -5.29 -13.04 14.07
N ILE A 300 -5.11 -13.35 15.35
CA ILE A 300 -3.93 -12.85 16.06
C ILE A 300 -2.66 -13.43 15.45
N GLU A 301 -2.68 -14.72 15.12
CA GLU A 301 -1.51 -15.35 14.53
C GLU A 301 -1.13 -14.71 13.20
N ASN A 302 -2.15 -14.40 12.40
CA ASN A 302 -1.91 -13.73 11.13
C ASN A 302 -1.36 -12.30 11.29
N GLN A 303 -1.81 -11.60 12.32
CA GLN A 303 -1.31 -10.24 12.59
C GLN A 303 0.16 -10.33 12.96
N ILE A 304 0.51 -11.33 13.73
CA ILE A 304 1.90 -11.53 14.14
C ILE A 304 2.75 -11.89 12.93
N LYS A 305 2.25 -12.79 12.07
CA LYS A 305 2.95 -13.05 10.82
C LYS A 305 3.24 -11.74 10.04
N ASN A 306 2.24 -10.88 9.92
CA ASN A 306 2.40 -9.65 9.17
C ASN A 306 3.35 -8.67 9.83
N LEU A 307 3.27 -8.54 11.16
CA LEU A 307 4.18 -7.64 11.86
C LEU A 307 5.60 -8.16 11.80
N ASP A 308 5.77 -9.47 11.95
CA ASP A 308 7.09 -10.09 11.85
C ASP A 308 7.71 -9.76 10.50
N ALA A 309 6.91 -9.93 9.45
CA ALA A 309 7.38 -9.73 8.08
C ALA A 309 7.75 -8.26 7.85
N ALA A 310 6.93 -7.33 8.35
CA ALA A 310 7.23 -5.92 8.20
C ALA A 310 8.55 -5.57 8.89
N LEU A 311 8.69 -5.95 10.16
CA LEU A 311 9.85 -5.53 10.93
C LEU A 311 11.16 -6.22 10.47
N GLN A 312 11.07 -7.43 9.91
CA GLN A 312 12.25 -8.10 9.35
C GLN A 312 12.85 -7.30 8.22
N LYS A 313 12.03 -6.51 7.53
CA LYS A 313 12.52 -5.70 6.41
C LYS A 313 13.23 -4.43 6.88
N SER A 314 13.23 -4.18 8.19
CA SER A 314 13.80 -2.95 8.70
C SER A 314 14.96 -3.22 9.64
N LYS A 315 16.07 -2.53 9.44
CA LYS A 315 17.22 -2.66 10.31
C LYS A 315 17.66 -1.29 10.78
N ILE A 316 17.87 -1.15 12.09
CA ILE A 316 18.38 0.10 12.63
C ILE A 316 19.89 0.19 12.29
N THR A 317 20.32 1.30 11.72
CA THR A 317 21.65 1.34 11.09
C THR A 317 22.74 1.99 11.94
N GLU A 318 22.40 2.37 13.17
CA GLU A 318 23.39 2.94 14.08
C GLU A 318 22.92 2.81 15.53
N ASN A 319 23.86 2.86 16.46
CA ASN A 319 23.53 2.75 17.88
C ASN A 319 22.54 3.84 18.25
N LEU A 320 21.42 3.44 18.83
CA LEU A 320 20.33 4.38 19.10
C LEU A 320 19.81 4.24 20.55
N ILE A 321 19.45 5.36 21.16
CA ILE A 321 18.78 5.33 22.44
C ILE A 321 17.28 5.51 22.21
N VAL A 322 16.47 4.60 22.77
CA VAL A 322 15.02 4.82 22.79
C VAL A 322 14.51 4.80 24.22
N TYR A 323 13.26 5.23 24.43
CA TYR A 323 12.73 5.43 25.77
C TYR A 323 11.39 4.74 25.93
N ARG A 324 11.15 4.17 27.10
CA ARG A 324 9.87 3.52 27.34
C ARG A 324 9.46 3.61 28.80
N ARG A 325 8.25 4.08 29.04
CA ARG A 325 7.72 4.16 30.41
C ARG A 325 6.98 2.87 30.76
N VAL A 326 7.18 2.38 31.96
CA VAL A 326 6.54 1.14 32.39
C VAL A 326 6.25 1.26 33.89
N SER A 327 5.51 0.30 34.42
CA SER A 327 5.29 0.20 35.86
C SER A 327 6.13 -0.95 36.40
N GLU A 328 6.00 -1.21 37.70
CA GLU A 328 6.81 -2.20 38.38
C GLU A 328 6.56 -3.60 37.85
N LEU A 329 5.45 -3.76 37.13
CA LEU A 329 5.14 -5.04 36.49
C LEU A 329 6.26 -5.43 35.51
N GLN A 330 7.09 -4.46 35.15
CA GLN A 330 8.29 -4.75 34.34
C GLN A 330 9.13 -5.90 34.93
N PHE A 331 9.15 -5.99 36.25
CA PHE A 331 9.99 -6.96 36.94
C PHE A 331 9.27 -8.26 37.28
N GLY A 332 8.01 -8.38 36.83
CA GLY A 332 7.24 -9.58 37.07
C GLY A 332 5.91 -9.33 37.75
N LYS A 333 4.97 -10.26 37.56
CA LYS A 333 3.63 -10.12 38.08
C LYS A 333 3.57 -9.88 39.59
N LYS A 334 4.51 -10.46 40.33
CA LYS A 334 4.50 -10.34 41.78
C LYS A 334 4.92 -8.94 42.27
N TYR A 335 5.40 -8.10 41.36
CA TYR A 335 5.77 -6.73 41.71
C TYR A 335 4.64 -5.74 41.47
N GLU A 336 3.46 -6.25 41.16
CA GLU A 336 2.34 -5.38 40.77
C GLU A 336 2.09 -4.24 41.75
N ASP A 337 2.08 -4.55 43.05
CA ASP A 337 1.85 -3.52 44.05
C ASP A 337 3.10 -3.25 44.87
N TYR A 338 4.24 -3.26 44.19
CA TYR A 338 5.54 -3.08 44.82
C TYR A 338 5.63 -1.72 45.52
N ASN A 339 4.79 -0.79 45.08
CA ASN A 339 4.76 0.56 45.64
C ASN A 339 6.11 1.26 45.59
N LEU A 340 6.72 1.27 44.42
CA LEU A 340 8.06 1.85 44.24
C LEU A 340 8.08 3.36 44.53
N ARG A 341 6.98 4.03 44.21
CA ARG A 341 6.89 5.47 44.36
C ARG A 341 5.66 5.84 45.19
N GLN A 342 5.89 6.55 46.29
CA GLN A 342 4.84 7.03 47.16
C GLN A 342 4.94 8.55 47.26
N ASN A 343 3.82 9.23 47.06
CA ASN A 343 3.79 10.69 47.15
C ASN A 343 4.82 11.34 46.24
N GLY A 344 5.11 10.69 45.12
CA GLY A 344 6.05 11.21 44.15
C GLY A 344 7.50 10.97 44.54
N ILE A 345 7.71 10.20 45.60
CA ILE A 345 9.04 9.90 46.08
C ILE A 345 9.45 8.47 45.73
N ILE A 346 10.61 8.30 45.11
CA ILE A 346 11.07 6.95 44.79
C ILE A 346 11.73 6.30 46.00
N ASN A 347 11.16 5.19 46.45
CA ASN A 347 11.68 4.45 47.60
C ASN A 347 13.11 3.95 47.39
N GLU A 348 14.07 4.56 48.09
CA GLU A 348 15.49 4.25 47.91
C GLU A 348 15.89 2.80 48.16
N GLU A 349 15.31 2.17 49.18
CA GLU A 349 15.65 0.79 49.54
C GLU A 349 15.07 -0.22 48.56
N LYS A 350 13.93 0.11 47.95
CA LYS A 350 13.38 -0.75 46.89
C LYS A 350 14.28 -0.75 45.67
N VAL A 351 14.78 0.42 45.31
CA VAL A 351 15.71 0.54 44.19
C VAL A 351 16.93 -0.33 44.45
N MET A 352 17.37 -0.34 45.70
CA MET A 352 18.52 -1.14 46.10
C MET A 352 18.25 -2.65 45.97
N GLU A 353 17.02 -3.08 46.24
CA GLU A 353 16.73 -4.50 46.06
C GLU A 353 16.37 -4.88 44.62
N LEU A 354 15.75 -3.98 43.87
CA LEU A 354 15.58 -4.24 42.44
C LEU A 354 16.99 -4.40 41.85
N GLU A 355 17.88 -3.50 42.24
CA GLU A 355 19.26 -3.54 41.80
C GLU A 355 19.91 -4.85 42.21
N SER A 356 19.77 -5.21 43.48
CA SER A 356 20.33 -6.47 43.97
C SER A 356 19.78 -7.69 43.22
N ASN A 357 18.49 -7.67 42.90
CA ASN A 357 17.85 -8.80 42.25
C ASN A 357 18.04 -8.87 40.72
N PHE A 358 18.06 -7.71 40.07
CA PHE A 358 18.00 -7.67 38.61
C PHE A 358 19.21 -7.12 37.85
N LYS A 359 20.06 -6.34 38.52
CA LYS A 359 21.17 -5.74 37.79
C LYS A 359 22.05 -6.83 37.19
N GLY A 360 22.37 -6.70 35.90
CA GLY A 360 23.18 -7.70 35.20
C GLY A 360 22.40 -8.89 34.63
N GLN A 361 21.16 -9.04 35.07
CA GLN A 361 20.32 -10.16 34.65
C GLN A 361 19.82 -9.96 33.22
N THR A 362 19.75 -11.04 32.45
CA THR A 362 19.20 -10.95 31.10
C THR A 362 17.78 -11.48 31.07
N PHE A 363 17.01 -11.08 30.06
CA PHE A 363 15.66 -11.57 29.92
C PHE A 363 15.20 -11.41 28.47
N ILE A 364 14.14 -12.12 28.09
CA ILE A 364 13.62 -12.01 26.73
C ILE A 364 12.32 -11.23 26.75
N GLN A 365 12.21 -10.18 25.92
CA GLN A 365 10.90 -9.55 25.72
C GLN A 365 10.24 -10.29 24.56
N HIS A 366 9.28 -11.16 24.87
CA HIS A 366 8.60 -11.94 23.84
C HIS A 366 7.61 -11.08 23.07
N ASN A 367 7.04 -10.07 23.72
CA ASN A 367 6.23 -9.04 23.06
C ASN A 367 7.08 -8.22 22.09
N TYR A 368 6.45 -7.59 21.09
CA TYR A 368 7.11 -6.52 20.36
C TYR A 368 7.37 -5.44 21.38
N MET A 369 8.35 -4.60 21.12
CA MET A 369 8.74 -3.57 22.09
CA MET A 369 8.70 -3.58 22.10
C MET A 369 8.42 -2.18 21.57
N SER A 370 7.29 -1.62 21.99
CA SER A 370 6.96 -0.24 21.64
C SER A 370 7.79 0.71 22.49
N THR A 371 8.51 1.63 21.85
CA THR A 371 9.32 2.60 22.55
C THR A 371 9.14 3.98 21.88
N SER A 372 9.59 5.04 22.55
CA SER A 372 9.60 6.37 21.93
C SER A 372 11.00 6.77 21.51
N LEU A 373 11.11 7.36 20.33
CA LEU A 373 12.36 7.93 19.85
C LEU A 373 12.82 9.11 20.70
N VAL A 374 11.91 9.69 21.48
CA VAL A 374 12.28 10.78 22.38
C VAL A 374 11.73 10.51 23.76
N GLN A 375 12.27 11.19 24.76
CA GLN A 375 11.87 10.93 26.14
C GLN A 375 10.54 11.61 26.50
N ASP A 376 9.58 10.83 26.99
CA ASP A 376 8.33 11.35 27.53
C ASP A 376 7.62 12.37 26.60
N PRO A 377 7.32 11.98 25.36
CA PRO A 377 6.65 12.98 24.48
C PRO A 377 5.13 13.12 24.70
N HIS A 378 4.49 12.16 25.36
CA HIS A 378 3.03 12.07 25.26
C HIS A 378 2.38 11.78 26.63
N GLN A 379 1.19 12.33 26.87
CA GLN A 379 0.51 12.16 28.16
C GLN A 379 0.21 10.71 28.55
N SER A 380 0.10 9.83 27.56
CA SER A 380 -0.25 8.44 27.88
C SER A 380 0.84 7.73 28.67
N TYR A 381 2.09 8.00 28.33
CA TYR A 381 3.22 7.30 28.96
C TYR A 381 4.23 8.32 29.42
N SER A 382 4.03 8.82 30.62
CA SER A 382 4.82 9.93 31.10
C SER A 382 5.15 9.70 32.56
N ASN A 383 5.89 10.64 33.13
CA ASN A 383 6.32 10.57 34.51
C ASN A 383 5.17 10.55 35.51
N ASP A 384 4.05 11.15 35.13
CA ASP A 384 2.94 11.30 36.06
C ASP A 384 2.26 9.98 36.36
N ARG A 385 2.19 9.11 35.35
CA ARG A 385 1.48 7.84 35.46
C ARG A 385 2.41 6.65 35.70
N TYR A 386 3.65 6.73 35.24
CA TYR A 386 4.57 5.60 35.33
C TYR A 386 5.84 5.96 36.10
N PRO A 387 6.18 5.18 37.14
CA PRO A 387 7.32 5.55 37.98
C PRO A 387 8.67 5.06 37.44
N ILE A 388 8.69 4.38 36.30
CA ILE A 388 9.94 3.85 35.75
C ILE A 388 10.15 4.27 34.29
N LEU A 389 11.30 4.86 34.00
CA LEU A 389 11.69 5.14 32.61
C LEU A 389 12.76 4.15 32.20
N LEU A 390 12.50 3.41 31.13
CA LEU A 390 13.51 2.53 30.58
C LEU A 390 14.28 3.34 29.53
N GLU A 391 15.60 3.43 29.70
CA GLU A 391 16.46 4.04 28.70
C GLU A 391 17.22 2.92 28.00
N ILE A 392 16.88 2.69 26.75
CA ILE A 392 17.28 1.48 26.05
C ILE A 392 18.28 1.75 24.94
N THR A 393 19.45 1.12 25.05
CA THR A 393 20.46 1.20 24.01
C THR A 393 20.26 0.08 22.98
N ILE A 394 19.99 0.48 21.75
CA ILE A 394 19.75 -0.42 20.62
C ILE A 394 20.98 -0.43 19.73
N PRO A 395 21.66 -1.59 19.62
CA PRO A 395 22.85 -1.63 18.78
C PRO A 395 22.48 -1.70 17.30
N GLU A 396 23.35 -1.16 16.46
CA GLU A 396 23.17 -1.27 15.02
C GLU A 396 22.85 -2.72 14.67
N GLY A 397 21.88 -2.92 13.77
CA GLY A 397 21.56 -4.26 13.30
C GLY A 397 20.24 -4.81 13.81
N VAL A 398 19.72 -4.23 14.89
CA VAL A 398 18.45 -4.64 15.45
C VAL A 398 17.31 -4.35 14.47
N HIS A 399 16.33 -5.25 14.40
CA HIS A 399 15.13 -5.02 13.61
C HIS A 399 14.14 -4.14 14.35
N GLY A 400 13.94 -2.93 13.86
CA GLY A 400 12.99 -2.00 14.44
C GLY A 400 12.75 -0.88 13.45
N ALA A 401 11.70 -0.09 13.68
CA ALA A 401 11.38 0.92 12.72
C ALA A 401 10.61 2.06 13.36
N TYR A 402 10.78 3.24 12.78
CA TYR A 402 10.04 4.41 13.19
C TYR A 402 8.66 4.30 12.56
N ILE A 403 7.63 4.22 13.40
CA ILE A 403 6.29 4.06 12.87
C ILE A 403 5.29 5.18 13.21
N ALA A 404 5.80 6.29 13.75
CA ALA A 404 4.93 7.35 14.29
C ALA A 404 3.89 7.84 13.29
N ASP A 405 4.30 7.96 12.03
CA ASP A 405 3.41 8.47 10.99
C ASP A 405 2.34 7.46 10.57
N MET A 406 2.45 6.22 11.04
CA MET A 406 1.40 5.24 10.81
C MET A 406 0.58 4.97 12.07
N SER A 407 0.97 5.59 13.17
CA SER A 407 0.42 5.20 14.46
C SER A 407 -0.91 5.89 14.67
N GLU A 408 -1.82 5.29 15.43
CA GLU A 408 -2.98 6.05 15.87
C GLU A 408 -2.59 7.17 16.85
N TYR A 409 -1.31 7.20 17.25
CA TYR A 409 -0.80 8.24 18.18
C TYR A 409 0.58 8.76 17.77
N PRO A 410 0.63 9.56 16.69
CA PRO A 410 1.93 9.99 16.15
C PRO A 410 2.74 10.78 17.16
N GLY A 411 2.05 11.41 18.10
CA GLY A 411 2.71 12.22 19.12
C GLY A 411 3.54 11.40 20.10
N GLN A 412 3.53 10.09 19.92
CA GLN A 412 4.34 9.22 20.76
C GLN A 412 5.71 8.96 20.14
N TYR A 413 5.89 9.34 18.89
CA TYR A 413 7.17 9.17 18.19
C TYR A 413 7.70 7.74 18.29
N GLU A 414 6.83 6.77 18.03
CA GLU A 414 7.13 5.37 18.32
C GLU A 414 8.21 4.73 17.43
N MET A 415 9.21 4.16 18.09
CA MET A 415 10.13 3.22 17.46
C MET A 415 9.64 1.82 17.87
N LEU A 416 9.25 1.03 16.90
CA LEU A 416 8.73 -0.30 17.20
C LEU A 416 9.86 -1.31 17.00
N ILE A 417 10.29 -1.95 18.09
CA ILE A 417 11.36 -2.94 18.06
C ILE A 417 10.77 -4.35 17.97
N ASN A 418 11.38 -5.20 17.14
CA ASN A 418 10.91 -6.58 16.95
C ASN A 418 10.83 -7.40 18.25
N ARG A 419 9.95 -8.39 18.22
CA ARG A 419 9.73 -9.27 19.37
C ARG A 419 10.91 -10.24 19.54
N GLY A 420 11.06 -10.78 20.74
CA GLY A 420 11.99 -11.87 20.99
C GLY A 420 13.46 -11.54 21.20
N TYR A 421 13.79 -10.26 21.37
CA TYR A 421 15.18 -9.90 21.70
C TYR A 421 15.50 -10.17 23.17
N THR A 422 16.77 -10.45 23.42
CA THR A 422 17.29 -10.55 24.78
C THR A 422 17.80 -9.18 25.26
N PHE A 423 17.35 -8.78 26.44
CA PHE A 423 17.70 -7.49 27.03
C PHE A 423 18.51 -7.77 28.29
N LYS A 424 19.26 -6.78 28.75
CA LYS A 424 20.01 -6.88 30.01
C LYS A 424 19.73 -5.64 30.86
N TYR A 425 19.53 -5.83 32.16
CA TYR A 425 19.46 -4.69 33.07
C TYR A 425 20.87 -4.16 33.40
N ASP A 426 21.16 -2.93 32.99
CA ASP A 426 22.54 -2.43 33.11
C ASP A 426 22.75 -1.53 34.31
N LYS A 427 21.76 -0.71 34.61
CA LYS A 427 21.96 0.35 35.60
C LYS A 427 20.62 0.88 36.13
N PHE A 428 20.64 1.29 37.39
CA PHE A 428 19.47 1.79 38.11
C PHE A 428 19.83 3.15 38.70
N SER A 429 19.05 4.17 38.38
CA SER A 429 19.35 5.53 38.81
C SER A 429 18.07 6.24 39.24
N ILE A 430 18.11 6.91 40.37
CA ILE A 430 16.96 7.71 40.78
C ILE A 430 17.08 9.12 40.18
N VAL A 431 16.03 9.54 39.49
CA VAL A 431 16.03 10.83 38.82
C VAL A 431 15.07 11.75 39.55
N LYS A 432 15.58 12.89 40.02
CA LYS A 432 14.75 13.83 40.76
C LYS A 432 14.28 14.98 39.86
N PRO A 433 13.09 15.52 40.15
CA PRO A 433 12.43 16.54 39.34
C PRO A 433 13.41 17.49 38.65
N GLY A 440 6.63 17.02 38.99
CA GLY A 440 7.42 17.16 40.20
C GLY A 440 7.67 15.83 40.90
N LYS A 441 7.48 14.75 40.17
CA LYS A 441 7.68 13.40 40.71
C LYS A 441 9.06 12.85 40.36
N GLU A 442 9.67 12.13 41.31
CA GLU A 442 10.89 11.41 41.04
C GLU A 442 10.56 10.16 40.22
N TYR A 443 11.55 9.62 39.52
CA TYR A 443 11.38 8.32 38.88
C TYR A 443 12.65 7.48 38.87
N LEU A 444 12.50 6.19 38.64
CA LEU A 444 13.61 5.27 38.48
C LEU A 444 13.94 5.15 37.00
N LYS A 445 15.15 5.57 36.63
CA LYS A 445 15.64 5.34 35.27
C LYS A 445 16.37 4.02 35.29
N VAL A 446 15.99 3.13 34.39
CA VAL A 446 16.60 1.81 34.29
C VAL A 446 17.22 1.69 32.90
N ASN A 447 18.55 1.62 32.83
CA ASN A 447 19.18 1.44 31.54
C ASN A 447 19.15 -0.02 31.16
N LEU A 448 18.71 -0.30 29.93
CA LEU A 448 18.76 -1.64 29.37
C LEU A 448 19.59 -1.59 28.10
N SER A 449 20.19 -2.73 27.75
CA SER A 449 20.81 -2.86 26.45
C SER A 449 20.24 -4.10 25.75
N ILE A 450 20.13 -4.06 24.43
CA ILE A 450 19.75 -5.27 23.69
C ILE A 450 20.99 -6.08 23.39
N TYR A 451 20.91 -7.39 23.61
CA TYR A 451 22.07 -8.26 23.53
C TYR A 451 21.99 -9.14 22.29
N LEU A 452 22.59 -8.70 21.19
CA LEU A 452 22.64 -9.51 19.97
C LEU A 452 24.01 -10.16 19.73
N GLU B 2 -43.88 -25.73 -3.16
CA GLU B 2 -42.68 -24.95 -3.39
C GLU B 2 -42.26 -25.01 -4.86
N ASN B 3 -42.33 -23.86 -5.53
CA ASN B 3 -41.94 -23.81 -6.94
C ASN B 3 -40.43 -23.65 -7.13
N SER B 4 -39.74 -23.14 -6.13
CA SER B 4 -38.33 -22.83 -6.28
C SER B 4 -37.42 -24.06 -6.39
N LYS B 5 -37.99 -25.21 -6.10
CA LYS B 5 -37.27 -26.47 -6.05
C LYS B 5 -37.82 -27.48 -7.04
N LYS B 6 -39.04 -27.28 -7.46
CA LYS B 6 -39.57 -27.96 -8.64
C LYS B 6 -38.78 -27.45 -9.84
N THR B 7 -38.36 -26.20 -9.76
CA THR B 7 -37.53 -25.61 -10.78
C THR B 7 -36.14 -26.25 -10.70
N GLN B 8 -35.67 -26.46 -9.47
CA GLN B 8 -34.43 -27.18 -9.23
C GLN B 8 -34.48 -28.55 -9.90
N GLU B 9 -35.59 -29.25 -9.67
CA GLU B 9 -35.78 -30.60 -10.21
C GLU B 9 -35.80 -30.62 -11.74
N LEU B 10 -36.44 -29.61 -12.33
CA LEU B 10 -36.46 -29.47 -13.78
C LEU B 10 -35.03 -29.37 -14.30
N VAL B 11 -34.21 -28.63 -13.55
CA VAL B 11 -32.80 -28.48 -13.86
C VAL B 11 -32.06 -29.82 -13.76
N GLU B 12 -32.10 -30.43 -12.58
CA GLU B 12 -31.43 -31.72 -12.36
C GLU B 12 -31.75 -32.72 -13.47
N LYS B 13 -32.94 -32.59 -14.05
CA LYS B 13 -33.39 -33.47 -15.12
C LYS B 13 -32.66 -33.15 -16.42
N LEU B 14 -32.13 -31.94 -16.53
CA LEU B 14 -31.42 -31.52 -17.73
C LEU B 14 -30.29 -32.51 -18.03
N PRO B 15 -30.01 -32.73 -19.32
CA PRO B 15 -29.04 -33.78 -19.65
C PRO B 15 -27.62 -33.32 -19.25
N HIS B 16 -26.84 -34.25 -18.70
CA HIS B 16 -25.62 -33.89 -17.99
C HIS B 16 -24.48 -33.37 -18.88
N GLU B 17 -24.35 -33.96 -20.07
CA GLU B 17 -23.28 -33.59 -20.99
C GLU B 17 -23.53 -32.20 -21.53
N VAL B 18 -24.80 -31.84 -21.58
CA VAL B 18 -25.21 -30.53 -22.05
C VAL B 18 -24.81 -29.50 -21.02
N LEU B 19 -25.06 -29.79 -19.74
CA LEU B 19 -24.72 -28.85 -18.69
C LEU B 19 -23.21 -28.67 -18.52
N GLU B 20 -22.44 -29.73 -18.75
CA GLU B 20 -21.00 -29.63 -18.65
C GLU B 20 -20.48 -28.63 -19.69
N LEU B 21 -21.00 -28.74 -20.90
CA LEU B 21 -20.55 -27.90 -22.00
C LEU B 21 -20.82 -26.43 -21.70
N TYR B 22 -22.03 -26.15 -21.23
CA TYR B 22 -22.39 -24.82 -20.78
C TYR B 22 -21.45 -24.36 -19.67
N LYS B 23 -21.24 -25.22 -18.68
CA LYS B 23 -20.37 -24.87 -17.56
C LYS B 23 -18.96 -24.52 -18.06
N ASN B 24 -18.52 -25.21 -19.10
CA ASN B 24 -17.16 -25.01 -19.62
C ASN B 24 -16.87 -23.59 -20.08
N VAL B 25 -17.89 -22.91 -20.60
CA VAL B 25 -17.72 -21.55 -21.12
C VAL B 25 -18.12 -20.50 -20.09
N GLY B 26 -18.25 -20.94 -18.83
CA GLY B 26 -18.58 -20.03 -17.77
C GLY B 26 -20.08 -19.81 -17.70
N GLY B 27 -20.82 -20.66 -18.41
CA GLY B 27 -22.28 -20.63 -18.39
C GLY B 27 -22.84 -20.89 -17.00
N GLU B 28 -23.80 -20.09 -16.57
CA GLU B 28 -24.41 -20.28 -15.27
C GLU B 28 -25.93 -20.22 -15.31
N ILE B 29 -26.58 -21.06 -14.50
CA ILE B 29 -28.04 -21.11 -14.46
C ILE B 29 -28.52 -20.55 -13.14
N TYR B 30 -29.36 -19.52 -13.22
CA TYR B 30 -29.88 -18.84 -12.04
C TYR B 30 -31.39 -19.06 -11.93
N ILE B 31 -31.84 -19.45 -10.74
CA ILE B 31 -33.27 -19.58 -10.47
C ILE B 31 -33.71 -18.38 -9.64
N THR B 32 -34.81 -17.74 -10.03
CA THR B 32 -35.25 -16.54 -9.30
C THR B 32 -36.76 -16.52 -9.11
N ASP B 33 -37.24 -15.95 -8.01
CA ASP B 33 -38.68 -15.72 -7.84
C ASP B 33 -39.01 -14.24 -8.04
N LYS B 34 -38.05 -13.51 -8.60
CA LYS B 34 -38.21 -12.11 -8.96
C LYS B 34 -38.46 -12.07 -10.47
N ARG B 35 -38.84 -10.91 -11.01
CA ARG B 35 -38.96 -10.78 -12.47
C ARG B 35 -37.58 -10.96 -13.11
N LEU B 36 -37.55 -11.44 -14.36
CA LEU B 36 -36.28 -11.60 -15.06
C LEU B 36 -35.50 -10.28 -15.11
N THR B 37 -36.22 -9.20 -15.41
CA THR B 37 -35.58 -7.90 -15.62
C THR B 37 -35.13 -7.23 -14.33
N GLN B 38 -35.45 -7.80 -13.18
CA GLN B 38 -34.92 -7.28 -11.93
C GLN B 38 -33.66 -8.03 -11.52
N HIS B 39 -33.24 -8.98 -12.35
CA HIS B 39 -32.09 -9.81 -12.01
C HIS B 39 -30.77 -9.14 -12.34
N GLU B 40 -29.76 -9.39 -11.50
CA GLU B 40 -28.43 -8.79 -11.67
C GLU B 40 -27.85 -8.99 -13.08
N GLU B 41 -28.06 -10.18 -13.65
CA GLU B 41 -27.51 -10.49 -14.96
C GLU B 41 -28.14 -9.64 -16.05
N LEU B 42 -29.32 -9.09 -15.74
CA LEU B 42 -30.07 -8.29 -16.71
C LEU B 42 -30.36 -6.89 -16.16
N SER B 43 -29.34 -6.27 -15.58
CA SER B 43 -29.49 -4.91 -15.04
C SER B 43 -29.50 -3.87 -16.16
N ASP B 44 -28.63 -4.09 -17.16
CA ASP B 44 -28.51 -3.23 -18.33
C ASP B 44 -29.83 -2.54 -18.72
N SER B 45 -29.72 -1.29 -19.16
CA SER B 45 -30.89 -0.51 -19.55
C SER B 45 -31.52 -1.07 -20.81
N SER B 46 -30.77 -1.90 -21.53
CA SER B 46 -31.26 -2.49 -22.78
C SER B 46 -32.39 -3.48 -22.54
N HIS B 47 -32.23 -4.32 -21.52
CA HIS B 47 -33.21 -5.34 -21.18
C HIS B 47 -34.54 -4.71 -20.78
N LYS B 48 -34.53 -3.38 -20.69
CA LYS B 48 -35.73 -2.61 -20.40
C LYS B 48 -36.87 -2.95 -21.35
N ASP B 49 -36.76 -2.47 -22.59
CA ASP B 49 -37.79 -2.70 -23.60
C ASP B 49 -37.39 -3.78 -24.60
N MET B 50 -36.79 -4.87 -24.11
CA MET B 50 -36.49 -6.00 -24.97
C MET B 50 -37.67 -6.95 -25.00
N PHE B 51 -37.83 -7.64 -26.14
CA PHE B 51 -38.84 -8.67 -26.28
C PHE B 51 -38.19 -10.01 -26.58
N ILE B 52 -38.90 -11.07 -26.19
CA ILE B 52 -38.49 -12.44 -26.49
C ILE B 52 -39.59 -13.11 -27.30
N VAL B 53 -39.23 -14.21 -27.95
CA VAL B 53 -40.17 -14.99 -28.73
C VAL B 53 -40.11 -16.42 -28.24
N SER B 54 -41.27 -16.97 -27.90
CA SER B 54 -41.35 -18.29 -27.29
C SER B 54 -41.18 -19.35 -28.36
N SER B 55 -41.11 -20.62 -27.95
CA SER B 55 -40.89 -21.71 -28.89
C SER B 55 -41.98 -21.78 -29.97
N GLU B 56 -43.19 -21.31 -29.67
CA GLU B 56 -44.26 -21.30 -30.68
C GLU B 56 -44.41 -19.97 -31.42
N GLY B 57 -43.47 -19.05 -31.22
CA GLY B 57 -43.46 -17.82 -31.98
C GLY B 57 -44.27 -16.69 -31.38
N LYS B 58 -44.58 -16.80 -30.10
CA LYS B 58 -45.29 -15.73 -29.42
C LYS B 58 -44.32 -14.70 -28.82
N SER B 59 -44.56 -13.43 -29.09
CA SER B 59 -43.71 -12.35 -28.58
C SER B 59 -44.22 -11.86 -27.22
N PHE B 60 -43.30 -11.69 -26.28
CA PHE B 60 -43.66 -11.10 -24.99
C PHE B 60 -42.57 -10.12 -24.58
N PRO B 61 -42.92 -9.10 -23.79
CA PRO B 61 -41.88 -8.29 -23.14
C PRO B 61 -41.02 -9.20 -22.23
N LEU B 62 -39.70 -9.04 -22.26
CA LEU B 62 -38.82 -9.85 -21.41
C LEU B 62 -39.30 -9.82 -19.96
N ARG B 63 -39.67 -8.65 -19.49
CA ARG B 63 -40.13 -8.49 -18.11
C ARG B 63 -41.33 -9.37 -17.78
N GLU B 64 -42.06 -9.83 -18.79
CA GLU B 64 -43.27 -10.63 -18.56
C GLU B 64 -43.05 -12.14 -18.64
N HIS B 65 -41.87 -12.54 -19.10
CA HIS B 65 -41.63 -13.96 -19.39
C HIS B 65 -40.92 -14.66 -18.23
N PHE B 66 -40.80 -15.98 -18.30
CA PHE B 66 -40.29 -16.71 -17.15
C PHE B 66 -38.95 -17.42 -17.35
N VAL B 67 -38.39 -17.34 -18.56
CA VAL B 67 -37.03 -17.88 -18.80
C VAL B 67 -36.32 -17.14 -19.92
N PHE B 68 -34.99 -16.97 -19.81
CA PHE B 68 -34.22 -16.22 -20.80
C PHE B 68 -32.76 -16.65 -20.79
N ALA B 69 -32.29 -17.05 -21.96
CA ALA B 69 -30.85 -17.33 -22.15
C ALA B 69 -30.19 -16.02 -22.57
N LYS B 70 -29.35 -15.47 -21.70
CA LYS B 70 -28.56 -14.28 -22.01
C LYS B 70 -27.24 -14.76 -22.62
N GLY B 71 -26.95 -14.39 -23.87
CA GLY B 71 -25.78 -14.88 -24.57
C GLY B 71 -24.59 -13.95 -24.33
N GLY B 72 -23.59 -14.05 -25.20
CA GLY B 72 -22.43 -13.16 -25.10
C GLY B 72 -21.29 -13.79 -24.32
N LYS B 73 -20.45 -12.95 -23.76
CA LYS B 73 -19.21 -13.36 -23.10
C LYS B 73 -19.39 -13.96 -21.70
N GLU B 74 -20.55 -13.75 -21.11
CA GLU B 74 -20.91 -14.36 -19.82
C GLU B 74 -22.32 -14.94 -19.86
N PRO B 75 -22.48 -16.08 -20.56
CA PRO B 75 -23.78 -16.70 -20.80
C PRO B 75 -24.49 -17.00 -19.48
N SER B 76 -25.78 -16.70 -19.39
CA SER B 76 -26.58 -17.01 -18.19
C SER B 76 -27.93 -17.49 -18.65
N LEU B 77 -28.42 -18.52 -17.98
CA LEU B 77 -29.81 -18.93 -18.19
C LEU B 77 -30.61 -18.51 -16.95
N ILE B 78 -31.51 -17.57 -17.12
CA ILE B 78 -32.30 -17.08 -16.00
C ILE B 78 -33.72 -17.63 -16.06
N ILE B 79 -34.12 -18.32 -14.99
CA ILE B 79 -35.38 -19.05 -14.92
C ILE B 79 -36.22 -18.56 -13.74
N HIS B 80 -37.43 -18.08 -14.01
CA HIS B 80 -38.35 -17.72 -12.93
C HIS B 80 -38.91 -18.99 -12.31
N ALA B 81 -38.89 -19.07 -10.98
CA ALA B 81 -39.39 -20.23 -10.26
C ALA B 81 -40.89 -20.41 -10.51
N GLU B 82 -41.28 -21.60 -10.95
CA GLU B 82 -42.68 -21.88 -11.27
C GLU B 82 -42.99 -23.34 -10.98
N ASP B 83 -44.24 -23.71 -11.14
CA ASP B 83 -44.63 -25.10 -11.02
C ASP B 83 -44.34 -25.81 -12.35
N TYR B 84 -43.11 -26.28 -12.51
CA TYR B 84 -42.70 -26.81 -13.80
C TYR B 84 -43.23 -28.23 -14.08
N ALA B 85 -44.24 -28.64 -13.32
CA ALA B 85 -45.01 -29.83 -13.66
C ALA B 85 -45.69 -29.59 -15.00
N SER B 86 -46.00 -28.33 -15.29
CA SER B 86 -46.59 -27.98 -16.56
C SER B 86 -45.61 -28.17 -17.70
N HIS B 87 -46.01 -28.97 -18.69
CA HIS B 87 -45.16 -29.22 -19.85
C HIS B 87 -45.07 -28.01 -20.76
N LEU B 88 -46.13 -27.22 -20.82
CA LEU B 88 -46.13 -25.98 -21.60
C LEU B 88 -45.06 -25.00 -21.12
N SER B 89 -44.78 -25.03 -19.82
CA SER B 89 -43.73 -24.18 -19.27
C SER B 89 -42.35 -24.84 -19.35
N SER B 90 -42.29 -26.15 -19.09
CA SER B 90 -41.02 -26.85 -19.11
C SER B 90 -40.38 -26.75 -20.47
N VAL B 91 -41.20 -26.92 -21.51
CA VAL B 91 -40.64 -26.93 -22.85
C VAL B 91 -39.94 -25.59 -23.18
N GLU B 92 -40.46 -24.48 -22.67
CA GLU B 92 -39.79 -23.18 -22.93
C GLU B 92 -38.44 -23.09 -22.24
N VAL B 93 -38.30 -23.73 -21.09
CA VAL B 93 -37.00 -23.68 -20.43
C VAL B 93 -36.00 -24.49 -21.26
N TYR B 94 -36.39 -25.68 -21.71
CA TYR B 94 -35.51 -26.49 -22.56
C TYR B 94 -35.18 -25.78 -23.89
N TYR B 95 -36.17 -25.07 -24.45
CA TYR B 95 -35.96 -24.24 -25.64
C TYR B 95 -34.87 -23.17 -25.42
N GLU B 96 -34.94 -22.42 -24.32
CA GLU B 96 -33.90 -21.41 -24.07
C GLU B 96 -32.55 -22.05 -23.74
N LEU B 97 -32.59 -23.20 -23.08
CA LEU B 97 -31.33 -23.93 -22.86
C LEU B 97 -30.72 -24.38 -24.19
N GLY B 98 -31.55 -24.94 -25.07
CA GLY B 98 -31.13 -25.31 -26.40
C GLY B 98 -30.49 -24.17 -27.15
N LYS B 99 -31.10 -22.99 -27.05
CA LYS B 99 -30.51 -21.80 -27.64
C LYS B 99 -29.16 -21.48 -27.01
N ALA B 100 -29.07 -21.52 -25.68
CA ALA B 100 -27.80 -21.26 -25.00
C ALA B 100 -26.72 -22.21 -25.51
N ILE B 101 -27.08 -23.47 -25.76
CA ILE B 101 -26.12 -24.41 -26.31
C ILE B 101 -25.68 -24.04 -27.72
N ILE B 102 -26.61 -23.97 -28.66
CA ILE B 102 -26.22 -23.78 -30.05
C ILE B 102 -25.67 -22.39 -30.33
N ARG B 103 -26.04 -21.42 -29.50
CA ARG B 103 -25.69 -20.02 -29.75
C ARG B 103 -24.49 -19.50 -28.95
N ASP B 104 -24.40 -19.94 -27.69
CA ASP B 104 -23.46 -19.35 -26.73
C ASP B 104 -22.30 -20.28 -26.37
N THR B 105 -22.41 -21.56 -26.74
CA THR B 105 -21.48 -22.55 -26.22
C THR B 105 -20.49 -23.09 -27.26
N PHE B 106 -19.21 -22.79 -27.06
CA PHE B 106 -18.14 -23.36 -27.89
C PHE B 106 -17.92 -24.78 -27.45
N PRO B 107 -17.70 -25.71 -28.42
CA PRO B 107 -17.53 -25.46 -29.86
C PRO B 107 -18.79 -25.57 -30.71
N LEU B 108 -19.93 -25.87 -30.10
CA LEU B 108 -21.16 -26.03 -30.86
C LEU B 108 -21.50 -24.77 -31.65
N ASN B 109 -21.29 -23.60 -31.04
CA ASN B 109 -21.73 -22.35 -31.67
C ASN B 109 -20.80 -21.90 -32.79
N GLN B 110 -19.79 -22.70 -33.08
CA GLN B 110 -18.84 -22.38 -34.16
C GLN B 110 -19.08 -23.27 -35.37
N LYS B 111 -19.28 -24.56 -35.12
CA LYS B 111 -19.27 -25.56 -36.18
C LYS B 111 -20.63 -26.20 -36.46
N GLU B 112 -21.38 -26.51 -35.41
CA GLU B 112 -22.50 -27.44 -35.49
C GLU B 112 -23.49 -27.19 -36.63
N LEU B 113 -23.97 -25.96 -36.76
CA LEU B 113 -25.01 -25.69 -37.75
C LEU B 113 -24.51 -25.85 -39.19
N GLY B 114 -23.20 -25.72 -39.38
CA GLY B 114 -22.59 -25.96 -40.68
C GLY B 114 -22.24 -27.42 -40.91
N ASN B 115 -22.24 -28.20 -39.84
CA ASN B 115 -22.05 -29.66 -39.89
C ASN B 115 -22.95 -30.33 -40.94
N PRO B 116 -22.43 -31.37 -41.62
CA PRO B 116 -23.32 -32.13 -42.51
C PRO B 116 -24.48 -32.77 -41.76
N LYS B 117 -24.25 -33.19 -40.52
CA LYS B 117 -25.30 -33.85 -39.75
C LYS B 117 -26.56 -32.99 -39.60
N PHE B 118 -26.37 -31.71 -39.32
CA PHE B 118 -27.50 -30.78 -39.21
C PHE B 118 -28.07 -30.40 -40.57
N ILE B 119 -27.20 -30.09 -41.52
CA ILE B 119 -27.63 -29.68 -42.84
C ILE B 119 -28.42 -30.78 -43.55
N ASN B 120 -27.95 -32.01 -43.38
CA ASN B 120 -28.64 -33.15 -43.96
C ASN B 120 -30.03 -33.35 -43.35
N ALA B 121 -30.14 -33.23 -42.03
CA ALA B 121 -31.41 -33.36 -41.35
C ALA B 121 -32.40 -32.26 -41.74
N ILE B 122 -31.92 -31.03 -41.80
CA ILE B 122 -32.76 -29.90 -42.20
C ILE B 122 -33.32 -30.09 -43.61
N ASN B 123 -32.47 -30.54 -44.52
CA ASN B 123 -32.91 -30.79 -45.88
C ASN B 123 -33.90 -31.93 -45.99
N GLU B 124 -33.65 -33.02 -45.26
CA GLU B 124 -34.56 -34.15 -45.28
C GLU B 124 -35.93 -33.77 -44.73
N VAL B 125 -35.95 -32.92 -43.72
CA VAL B 125 -37.21 -32.43 -43.15
C VAL B 125 -37.88 -31.46 -44.12
N ASN B 126 -37.07 -30.71 -44.86
CA ASN B 126 -37.58 -29.71 -45.79
C ASN B 126 -38.10 -30.34 -47.08
N GLN B 127 -37.77 -31.61 -47.29
CA GLN B 127 -38.29 -32.34 -48.44
C GLN B 127 -38.98 -33.64 -48.02
N GLN B 128 -39.92 -33.51 -47.10
CA GLN B 128 -40.79 -34.62 -46.72
C GLN B 128 -42.01 -34.59 -47.61
N LYS B 129 -42.55 -35.77 -47.95
CA LYS B 129 -43.66 -35.85 -48.88
C LYS B 129 -44.74 -36.84 -48.42
N GLU B 130 -46.00 -36.40 -48.48
CA GLU B 130 -47.12 -37.31 -48.35
C GLU B 130 -47.24 -38.02 -49.69
N GLY B 131 -47.63 -39.28 -49.66
CA GLY B 131 -47.59 -40.10 -50.85
C GLY B 131 -46.38 -41.00 -50.80
N LYS B 132 -46.04 -41.62 -51.92
CA LYS B 132 -44.97 -42.61 -51.93
C LYS B 132 -44.55 -42.94 -53.36
N GLY B 133 -45.16 -42.25 -54.32
CA GLY B 133 -44.85 -42.46 -55.73
C GLY B 133 -44.83 -41.18 -56.53
N VAL B 134 -44.87 -41.31 -57.85
CA VAL B 134 -44.83 -40.17 -58.76
C VAL B 134 -45.75 -39.03 -58.31
N ASN B 135 -46.96 -39.36 -57.90
CA ASN B 135 -47.89 -38.34 -57.43
C ASN B 135 -47.74 -38.04 -55.95
N ALA B 136 -46.52 -37.68 -55.55
CA ALA B 136 -46.26 -37.28 -54.17
C ALA B 136 -46.47 -35.79 -54.02
N LYS B 137 -47.02 -35.39 -52.88
CA LYS B 137 -47.22 -33.99 -52.57
C LYS B 137 -46.60 -33.71 -51.21
N ALA B 138 -45.85 -32.63 -51.11
CA ALA B 138 -45.12 -32.31 -49.89
C ALA B 138 -46.03 -32.15 -48.68
N ASP B 139 -45.64 -32.74 -47.55
CA ASP B 139 -46.28 -32.43 -46.28
C ASP B 139 -45.43 -31.44 -45.50
N GLU B 140 -46.05 -30.33 -45.09
CA GLU B 140 -45.35 -29.28 -44.38
C GLU B 140 -45.19 -29.62 -42.92
N ASP B 141 -45.59 -30.83 -42.53
CA ASP B 141 -45.64 -31.21 -41.13
C ASP B 141 -44.35 -30.96 -40.35
N GLY B 142 -43.22 -31.32 -40.94
CA GLY B 142 -41.94 -31.06 -40.32
C GLY B 142 -41.67 -29.57 -40.23
N ARG B 143 -41.83 -28.88 -41.35
CA ARG B 143 -41.63 -27.43 -41.37
C ARG B 143 -42.59 -26.76 -40.40
N ASP B 144 -43.83 -27.22 -40.35
CA ASP B 144 -44.84 -26.61 -39.49
C ASP B 144 -44.49 -26.71 -38.01
N LEU B 145 -43.92 -27.85 -37.62
CA LEU B 145 -43.56 -28.08 -36.23
C LEU B 145 -42.33 -27.26 -35.80
N LEU B 146 -41.35 -27.16 -36.69
CA LEU B 146 -40.01 -26.69 -36.31
C LEU B 146 -39.55 -25.34 -36.88
N PHE B 147 -40.04 -24.97 -38.06
CA PHE B 147 -39.55 -23.74 -38.71
C PHE B 147 -40.30 -22.50 -38.24
N GLY B 148 -39.57 -21.41 -38.03
CA GLY B 148 -40.20 -20.16 -37.65
C GLY B 148 -40.93 -19.53 -38.83
N LYS B 149 -41.72 -18.49 -38.56
CA LYS B 149 -42.46 -17.81 -39.61
C LYS B 149 -41.54 -17.27 -40.69
N GLU B 150 -40.47 -16.58 -40.28
CA GLU B 150 -39.58 -15.93 -41.24
C GLU B 150 -38.73 -16.91 -42.03
N LEU B 151 -38.43 -18.07 -41.43
CA LEU B 151 -37.70 -19.11 -42.12
C LEU B 151 -38.55 -19.67 -43.26
N LYS B 152 -39.87 -19.62 -43.09
CA LYS B 152 -40.79 -20.07 -44.14
C LYS B 152 -40.73 -19.12 -45.35
N LYS B 153 -40.80 -17.82 -45.07
CA LYS B 153 -40.81 -16.81 -46.11
C LYS B 153 -39.48 -16.73 -46.88
N ASN B 154 -38.41 -17.24 -46.27
CA ASN B 154 -37.10 -17.24 -46.93
C ASN B 154 -36.71 -18.62 -47.49
N LEU B 155 -37.43 -19.65 -47.06
CA LEU B 155 -37.11 -21.02 -47.49
C LEU B 155 -38.36 -21.81 -47.82
N GLU B 156 -38.57 -22.10 -49.10
CA GLU B 156 -39.72 -22.90 -49.51
C GLU B 156 -39.43 -24.39 -49.37
N HIS B 157 -40.48 -25.21 -49.47
CA HIS B 157 -40.35 -26.66 -49.33
C HIS B 157 -39.63 -27.27 -50.52
N GLY B 158 -38.83 -28.29 -50.26
CA GLY B 158 -38.07 -28.96 -51.29
C GLY B 158 -36.75 -28.25 -51.54
N GLN B 159 -36.73 -26.94 -51.30
CA GLN B 159 -35.54 -26.14 -51.52
C GLN B 159 -34.36 -26.70 -50.74
N LEU B 160 -33.16 -26.51 -51.29
CA LEU B 160 -31.95 -27.05 -50.69
C LEU B 160 -31.29 -26.03 -49.78
N VAL B 161 -30.86 -26.50 -48.61
CA VAL B 161 -30.23 -25.65 -47.61
C VAL B 161 -28.72 -25.83 -47.63
N ASP B 162 -28.01 -24.78 -48.08
CA ASP B 162 -26.55 -24.81 -48.11
C ASP B 162 -25.99 -23.90 -47.03
N LEU B 163 -24.71 -24.10 -46.71
CA LEU B 163 -24.05 -23.32 -45.67
C LEU B 163 -24.31 -21.83 -45.86
N ASP B 164 -24.59 -21.44 -47.09
CA ASP B 164 -24.76 -20.03 -47.42
C ASP B 164 -25.98 -19.39 -46.76
N LEU B 165 -27.17 -19.93 -46.99
CA LEU B 165 -28.37 -19.32 -46.44
C LEU B 165 -28.44 -19.50 -44.92
N ILE B 166 -27.80 -20.57 -44.43
CA ILE B 166 -27.65 -20.74 -42.99
C ILE B 166 -26.95 -19.52 -42.38
N SER B 167 -25.91 -19.04 -43.06
CA SER B 167 -25.16 -17.89 -42.57
C SER B 167 -25.96 -16.60 -42.61
N GLY B 168 -26.92 -16.54 -43.55
CA GLY B 168 -27.75 -15.36 -43.69
C GLY B 168 -28.99 -15.43 -42.81
N ASN B 169 -29.31 -16.63 -42.35
CA ASN B 169 -30.44 -16.84 -41.45
C ASN B 169 -30.03 -17.63 -40.21
N LEU B 170 -28.97 -17.17 -39.55
CA LEU B 170 -28.39 -17.89 -38.43
C LEU B 170 -29.36 -18.09 -37.26
N SER B 171 -29.97 -17.01 -36.79
CA SER B 171 -30.87 -17.08 -35.65
C SER B 171 -32.10 -17.95 -35.96
N GLU B 172 -32.50 -17.98 -37.23
CA GLU B 172 -33.62 -18.81 -37.65
C GLU B 172 -33.29 -20.30 -37.59
N PHE B 173 -32.04 -20.64 -37.92
CA PHE B 173 -31.61 -22.02 -37.84
C PHE B 173 -31.22 -22.42 -36.42
N GLN B 174 -30.79 -21.45 -35.62
CA GLN B 174 -30.56 -21.71 -34.21
C GLN B 174 -31.88 -22.06 -33.52
N HIS B 175 -32.95 -21.38 -33.92
CA HIS B 175 -34.29 -21.70 -33.42
C HIS B 175 -34.67 -23.14 -33.76
N VAL B 176 -34.42 -23.55 -35.00
CA VAL B 176 -34.74 -24.92 -35.38
C VAL B 176 -33.98 -25.90 -34.49
N PHE B 177 -32.70 -25.66 -34.28
CA PHE B 177 -31.93 -26.49 -33.37
C PHE B 177 -32.51 -26.52 -31.96
N ALA B 178 -32.80 -25.34 -31.40
CA ALA B 178 -33.25 -25.25 -30.02
C ALA B 178 -34.62 -25.89 -29.83
N LYS B 179 -35.47 -25.78 -30.85
CA LYS B 179 -36.81 -26.33 -30.74
C LYS B 179 -36.77 -27.87 -30.88
N SER B 180 -35.99 -28.36 -31.83
CA SER B 180 -35.71 -29.78 -31.91
C SER B 180 -35.28 -30.29 -30.54
N PHE B 181 -34.29 -29.58 -29.95
CA PHE B 181 -33.75 -29.88 -28.63
C PHE B 181 -34.85 -29.93 -27.56
N ALA B 182 -35.64 -28.87 -27.49
CA ALA B 182 -36.70 -28.78 -26.48
C ALA B 182 -37.74 -29.90 -26.60
N LEU B 183 -38.20 -30.16 -27.82
CA LEU B 183 -39.24 -31.18 -28.04
C LEU B 183 -38.67 -32.58 -27.79
N TYR B 184 -37.40 -32.77 -28.13
CA TYR B 184 -36.74 -34.04 -27.85
C TYR B 184 -36.68 -34.33 -26.35
N TYR B 185 -36.33 -33.34 -25.54
CA TYR B 185 -36.07 -33.58 -24.13
C TYR B 185 -37.29 -33.51 -23.23
N GLU B 186 -38.35 -32.84 -23.70
CA GLU B 186 -39.60 -32.79 -22.95
C GLU B 186 -40.43 -34.01 -23.31
N PRO B 187 -40.62 -34.91 -22.34
CA PRO B 187 -41.17 -36.24 -22.65
C PRO B 187 -42.51 -36.20 -23.37
N HIS B 188 -43.31 -35.16 -23.15
CA HIS B 188 -44.62 -35.13 -23.80
C HIS B 188 -44.64 -34.41 -25.12
N TYR B 189 -43.45 -34.12 -25.66
CA TYR B 189 -43.30 -33.52 -26.97
C TYR B 189 -42.45 -34.43 -27.85
N LYS B 190 -41.73 -35.33 -27.21
CA LYS B 190 -40.76 -36.20 -27.89
C LYS B 190 -41.40 -36.97 -29.05
N GLU B 191 -42.60 -37.51 -28.83
CA GLU B 191 -43.24 -38.38 -29.83
C GLU B 191 -43.67 -37.62 -31.09
N ALA B 192 -44.16 -36.40 -30.90
CA ALA B 192 -44.48 -35.55 -32.03
C ALA B 192 -43.24 -35.20 -32.88
N LEU B 193 -42.12 -34.91 -32.22
CA LEU B 193 -40.89 -34.67 -32.97
C LEU B 193 -40.57 -35.87 -33.84
N LYS B 194 -40.59 -37.05 -33.24
CA LYS B 194 -40.32 -38.31 -33.93
C LYS B 194 -41.28 -38.57 -35.11
N SER B 195 -42.52 -38.14 -34.96
CA SER B 195 -43.54 -38.40 -35.98
C SER B 195 -43.50 -37.44 -37.17
N TYR B 196 -43.34 -36.15 -36.90
CA TYR B 196 -43.49 -35.14 -37.95
C TYR B 196 -42.19 -34.59 -38.53
N ALA B 197 -41.07 -34.84 -37.85
CA ALA B 197 -39.78 -34.36 -38.34
C ALA B 197 -38.70 -35.37 -37.99
N PRO B 198 -38.88 -36.61 -38.45
CA PRO B 198 -38.07 -37.76 -38.03
C PRO B 198 -36.57 -37.57 -38.26
N ALA B 199 -36.19 -36.80 -39.29
CA ALA B 199 -34.78 -36.55 -39.57
C ALA B 199 -34.12 -35.62 -38.53
N LEU B 200 -34.92 -34.74 -37.93
CA LEU B 200 -34.37 -33.91 -36.86
C LEU B 200 -34.42 -34.62 -35.51
N PHE B 201 -35.39 -35.50 -35.32
CA PHE B 201 -35.41 -36.37 -34.15
C PHE B 201 -34.15 -37.22 -34.08
N ASN B 202 -33.84 -37.90 -35.17
CA ASN B 202 -32.67 -38.76 -35.23
C ASN B 202 -31.39 -37.96 -35.03
N TYR B 203 -31.40 -36.71 -35.48
CA TYR B 203 -30.26 -35.82 -35.27
C TYR B 203 -30.04 -35.59 -33.78
N MET B 204 -31.11 -35.23 -33.07
CA MET B 204 -31.04 -34.95 -31.65
C MET B 204 -30.82 -36.24 -30.84
N LEU B 205 -31.40 -37.33 -31.32
CA LEU B 205 -31.22 -38.64 -30.67
C LEU B 205 -29.73 -38.95 -30.61
N GLU B 206 -29.05 -38.75 -31.73
CA GLU B 206 -27.62 -39.03 -31.79
C GLU B 206 -26.80 -38.10 -30.90
N LEU B 207 -27.19 -36.83 -30.83
CA LEU B 207 -26.49 -35.93 -29.92
C LEU B 207 -26.72 -36.39 -28.50
N ASP B 208 -27.96 -36.71 -28.15
CA ASP B 208 -28.32 -37.07 -26.78
C ASP B 208 -27.60 -38.36 -26.35
N GLN B 209 -27.56 -39.35 -27.24
CA GLN B 209 -27.05 -40.66 -26.85
C GLN B 209 -25.54 -40.83 -27.00
N MET B 210 -24.89 -39.93 -27.74
CA MET B 210 -23.45 -40.10 -28.03
C MET B 210 -22.67 -38.82 -28.22
N ARG B 211 -23.16 -37.94 -29.08
CA ARG B 211 -22.30 -36.89 -29.62
C ARG B 211 -22.12 -35.67 -28.74
N PHE B 212 -23.12 -35.35 -27.92
CA PHE B 212 -22.92 -34.36 -26.87
C PHE B 212 -21.79 -34.86 -25.98
N LYS B 213 -21.75 -36.17 -25.78
CA LYS B 213 -20.79 -36.76 -24.86
C LYS B 213 -19.38 -36.78 -25.44
N GLU B 214 -19.26 -36.96 -26.75
CA GLU B 214 -17.94 -36.92 -27.35
C GLU B 214 -17.44 -35.48 -27.51
N ILE B 215 -18.34 -34.54 -27.79
CA ILE B 215 -17.92 -33.15 -27.79
C ILE B 215 -17.38 -32.80 -26.40
N SER B 216 -18.17 -33.06 -25.38
CA SER B 216 -17.77 -32.75 -24.01
C SER B 216 -16.47 -33.43 -23.59
N ASP B 217 -16.33 -34.73 -23.88
CA ASP B 217 -15.10 -35.42 -23.50
C ASP B 217 -13.90 -34.81 -24.19
N ASP B 218 -14.08 -34.43 -25.45
CA ASP B 218 -13.03 -33.81 -26.21
C ASP B 218 -12.59 -32.50 -25.54
N VAL B 219 -13.58 -31.73 -25.06
CA VAL B 219 -13.30 -30.48 -24.36
C VAL B 219 -12.49 -30.74 -23.10
N LYS B 220 -12.83 -31.80 -22.38
CA LYS B 220 -12.11 -32.18 -21.15
C LYS B 220 -10.67 -32.63 -21.38
N GLU B 221 -10.41 -33.29 -22.51
CA GLU B 221 -9.04 -33.70 -22.83
C GLU B 221 -8.17 -32.49 -23.17
N LYS B 222 -8.70 -31.65 -24.05
CA LYS B 222 -8.02 -30.39 -24.38
C LYS B 222 -7.74 -29.60 -23.12
N ASN B 223 -8.73 -29.53 -22.23
CA ASN B 223 -8.51 -28.82 -20.96
C ASN B 223 -7.39 -29.46 -20.13
N LYS B 224 -7.09 -30.73 -20.38
CA LYS B 224 -6.03 -31.40 -19.63
C LYS B 224 -4.64 -30.92 -20.05
N ASN B 225 -4.53 -30.40 -21.27
CA ASN B 225 -3.22 -29.96 -21.77
C ASN B 225 -3.00 -28.45 -21.70
N VAL B 226 -4.07 -27.66 -21.76
CA VAL B 226 -3.91 -26.22 -21.76
C VAL B 226 -5.19 -25.52 -21.31
N LEU B 227 -5.02 -24.37 -20.66
CA LEU B 227 -6.15 -23.60 -20.18
C LEU B 227 -6.35 -22.46 -21.17
N ASP B 228 -7.53 -22.41 -21.77
CA ASP B 228 -7.85 -21.41 -22.78
C ASP B 228 -9.24 -20.87 -22.54
N PHE B 229 -9.34 -19.61 -22.17
CA PHE B 229 -10.66 -19.04 -21.88
C PHE B 229 -11.33 -18.51 -23.12
N LYS B 230 -10.62 -18.53 -24.26
CA LYS B 230 -11.20 -18.02 -25.51
C LYS B 230 -11.76 -16.59 -25.26
N TRP B 231 -12.99 -16.29 -25.67
CA TRP B 231 -13.52 -14.93 -25.47
C TRP B 231 -14.36 -14.77 -24.20
N TYR B 232 -14.44 -15.83 -23.40
CA TYR B 232 -15.37 -15.84 -22.26
C TYR B 232 -14.72 -15.30 -21.00
N THR B 233 -15.36 -14.33 -20.37
CA THR B 233 -14.69 -13.57 -19.32
C THR B 233 -15.01 -14.02 -17.91
N ARG B 234 -16.11 -14.76 -17.72
CA ARG B 234 -16.55 -15.04 -16.35
C ARG B 234 -15.63 -16.03 -15.66
N LYS B 235 -15.33 -17.12 -16.35
CA LYS B 235 -14.43 -18.15 -15.80
C LYS B 235 -13.02 -17.57 -15.72
N ALA B 236 -12.67 -16.77 -16.70
CA ALA B 236 -11.33 -16.17 -16.77
C ALA B 236 -11.07 -15.29 -15.56
N GLU B 237 -11.99 -14.37 -15.31
CA GLU B 237 -11.84 -13.44 -14.20
C GLU B 237 -11.80 -14.17 -12.87
N SER B 238 -12.71 -15.12 -12.68
CA SER B 238 -12.69 -15.96 -11.49
C SER B 238 -11.32 -16.67 -11.31
N TRP B 239 -10.76 -17.22 -12.38
CA TRP B 239 -9.45 -17.89 -12.28
C TRP B 239 -8.32 -16.88 -12.00
N GLY B 240 -8.34 -15.75 -12.70
CA GLY B 240 -7.29 -14.75 -12.55
C GLY B 240 -7.23 -14.22 -11.14
N VAL B 241 -8.39 -13.85 -10.63
CA VAL B 241 -8.50 -13.28 -9.29
C VAL B 241 -8.11 -14.30 -8.23
N GLN B 242 -8.66 -15.51 -8.32
CA GLN B 242 -8.35 -16.51 -7.28
C GLN B 242 -6.91 -16.99 -7.35
N THR B 243 -6.42 -17.25 -8.54
CA THR B 243 -5.08 -17.80 -8.68
C THR B 243 -4.00 -16.84 -8.18
N PHE B 244 -4.22 -15.54 -8.34
CA PHE B 244 -3.16 -14.57 -8.06
C PHE B 244 -3.40 -13.72 -6.82
N LYS B 245 -4.40 -14.11 -6.05
CA LYS B 245 -4.79 -13.39 -4.84
C LYS B 245 -3.71 -13.35 -3.76
N ASN B 246 -3.08 -14.50 -3.51
CA ASN B 246 -2.00 -14.54 -2.53
C ASN B 246 -0.85 -13.65 -2.98
N TRP B 247 -0.53 -13.68 -4.28
CA TRP B 247 0.56 -12.87 -4.81
C TRP B 247 0.22 -11.37 -4.65
N LYS B 248 -0.99 -11.00 -5.05
CA LYS B 248 -1.42 -9.59 -4.95
C LYS B 248 -1.32 -9.09 -3.52
N GLU B 249 -1.74 -9.93 -2.58
CA GLU B 249 -1.76 -9.56 -1.17
C GLU B 249 -0.35 -9.43 -0.59
N ASN B 250 0.63 -9.98 -1.30
CA ASN B 250 2.03 -9.82 -0.90
C ASN B 250 2.82 -8.74 -1.63
N LEU B 251 2.17 -8.02 -2.55
CA LEU B 251 2.83 -6.88 -3.20
C LEU B 251 3.05 -5.74 -2.24
N THR B 252 4.19 -5.08 -2.36
CA THR B 252 4.44 -3.85 -1.61
C THR B 252 3.70 -2.67 -2.25
N ILE B 253 3.56 -1.58 -1.49
CA ILE B 253 2.93 -0.37 -2.01
C ILE B 253 3.62 0.10 -3.29
N SER B 254 4.95 0.14 -3.23
CA SER B 254 5.78 0.57 -4.35
C SER B 254 5.53 -0.29 -5.60
N GLU B 255 5.44 -1.61 -5.40
CA GLU B 255 5.19 -2.52 -6.49
C GLU B 255 3.80 -2.30 -7.10
N LYS B 256 2.78 -2.24 -6.26
CA LYS B 256 1.41 -2.04 -6.78
C LYS B 256 1.30 -0.74 -7.55
N ASP B 257 1.93 0.30 -7.02
CA ASP B 257 1.90 1.61 -7.66
C ASP B 257 2.47 1.54 -9.08
N ILE B 258 3.59 0.84 -9.26
CA ILE B 258 4.19 0.78 -10.59
C ILE B 258 3.47 -0.16 -11.55
N ILE B 259 2.89 -1.24 -11.02
CA ILE B 259 2.06 -2.09 -11.87
C ILE B 259 0.93 -1.22 -12.44
N THR B 260 0.34 -0.41 -11.59
CA THR B 260 -0.74 0.46 -12.08
C THR B 260 -0.20 1.46 -13.10
N GLY B 261 0.92 2.12 -12.77
CA GLY B 261 1.46 3.12 -13.68
C GLY B 261 1.87 2.52 -15.01
N TYR B 262 2.40 1.30 -14.94
CA TYR B 262 2.82 0.59 -16.14
C TYR B 262 1.69 0.38 -17.16
N THR B 263 0.47 0.13 -16.70
CA THR B 263 -0.67 -0.01 -17.60
C THR B 263 -1.16 1.34 -18.12
N GLY B 264 -0.59 2.42 -17.59
CA GLY B 264 -0.92 3.77 -18.02
C GLY B 264 0.26 4.49 -18.65
N SER B 265 0.61 5.64 -18.10
CA SER B 265 1.60 6.50 -18.73
C SER B 265 3.03 5.96 -18.65
N LYS B 266 3.28 4.96 -17.82
CA LYS B 266 4.65 4.46 -17.68
C LYS B 266 4.95 3.39 -18.72
N TYR B 267 3.92 2.91 -19.42
CA TYR B 267 4.09 1.80 -20.37
C TYR B 267 5.19 2.02 -21.42
N ASP B 268 5.08 3.10 -22.19
CA ASP B 268 5.97 3.34 -23.33
C ASP B 268 7.43 3.60 -22.93
N PRO B 269 7.67 4.46 -21.91
CA PRO B 269 9.06 4.71 -21.52
C PRO B 269 9.77 3.45 -21.02
N ILE B 270 9.04 2.59 -20.33
CA ILE B 270 9.63 1.39 -19.78
C ILE B 270 9.94 0.39 -20.90
N ASN B 271 8.95 0.09 -21.72
CA ASN B 271 9.15 -0.87 -22.81
C ASN B 271 10.13 -0.39 -23.88
N GLU B 272 10.19 0.92 -24.12
CA GLU B 272 11.18 1.48 -25.05
C GLU B 272 12.61 1.35 -24.51
N TYR B 273 12.81 1.72 -23.25
CA TYR B 273 14.10 1.56 -22.59
C TYR B 273 14.58 0.09 -22.70
N LEU B 274 13.69 -0.84 -22.41
CA LEU B 274 14.05 -2.27 -22.41
C LEU B 274 14.38 -2.78 -23.81
N ARG B 275 13.69 -2.25 -24.82
CA ARG B 275 13.93 -2.69 -26.21
C ARG B 275 15.18 -2.11 -26.86
N LYS B 276 15.71 -1.05 -26.28
CA LYS B 276 16.71 -0.18 -26.91
C LYS B 276 17.71 -0.82 -27.88
N TYR B 277 18.46 -1.81 -27.42
CA TYR B 277 19.50 -2.37 -28.29
C TYR B 277 19.24 -3.82 -28.65
N ASP B 278 17.99 -4.25 -28.56
CA ASP B 278 17.61 -5.61 -28.93
C ASP B 278 18.48 -6.62 -28.18
N GLY B 279 18.77 -6.36 -26.91
CA GLY B 279 19.44 -7.33 -26.07
C GLY B 279 20.96 -7.26 -26.02
N GLU B 280 21.56 -6.59 -27.00
CA GLU B 280 23.01 -6.36 -26.96
C GLU B 280 23.36 -5.42 -25.80
N ILE B 281 24.51 -5.66 -25.18
CA ILE B 281 24.98 -4.81 -24.08
C ILE B 281 25.91 -3.74 -24.65
N ILE B 282 25.36 -2.54 -24.86
CA ILE B 282 26.08 -1.45 -25.52
C ILE B 282 26.07 -0.21 -24.63
N PRO B 283 27.09 -0.10 -23.76
CA PRO B 283 27.22 1.02 -22.81
C PRO B 283 27.37 2.37 -23.50
N ASN B 284 26.67 3.39 -23.01
CA ASN B 284 26.85 4.75 -23.47
C ASN B 284 27.90 5.45 -22.63
N ILE B 285 29.03 5.74 -23.25
CA ILE B 285 30.18 6.24 -22.53
C ILE B 285 30.69 7.51 -23.19
N GLY B 286 30.80 8.56 -22.40
CA GLY B 286 31.29 9.85 -22.88
C GLY B 286 30.17 10.86 -22.77
N GLY B 287 30.50 12.08 -22.41
CA GLY B 287 29.49 13.10 -22.22
C GLY B 287 28.57 12.75 -21.06
N ASP B 288 27.50 13.52 -20.92
CA ASP B 288 26.56 13.35 -19.83
C ASP B 288 25.16 13.77 -20.29
N LEU B 289 24.14 13.19 -19.67
CA LEU B 289 22.77 13.64 -19.92
C LEU B 289 22.58 14.89 -19.10
N ASP B 290 21.71 15.78 -19.56
CA ASP B 290 21.36 16.92 -18.71
C ASP B 290 20.61 16.40 -17.48
N LYS B 291 20.55 17.23 -16.45
CA LYS B 291 19.95 16.90 -15.15
C LYS B 291 18.56 16.27 -15.23
N LYS B 292 17.72 16.81 -16.10
CA LYS B 292 16.35 16.34 -16.26
C LYS B 292 16.27 14.98 -16.96
N SER B 293 17.11 14.78 -17.97
CA SER B 293 17.08 13.51 -18.69
C SER B 293 17.61 12.40 -17.78
N LYS B 294 18.58 12.73 -16.94
CA LYS B 294 19.18 11.75 -16.05
C LYS B 294 18.22 11.32 -14.94
N LYS B 295 17.48 12.26 -14.39
CA LYS B 295 16.48 11.93 -13.36
C LYS B 295 15.41 11.01 -13.91
N ALA B 296 14.97 11.28 -15.14
CA ALA B 296 13.96 10.45 -15.81
C ALA B 296 14.47 9.03 -16.00
N LEU B 297 15.75 8.90 -16.30
CA LEU B 297 16.35 7.61 -16.59
C LEU B 297 16.45 6.77 -15.32
N GLU B 298 16.90 7.39 -14.23
CA GLU B 298 16.96 6.72 -12.95
C GLU B 298 15.56 6.32 -12.46
N LYS B 299 14.57 7.14 -12.76
CA LYS B 299 13.18 6.84 -12.43
C LYS B 299 12.71 5.56 -13.16
N ILE B 300 13.02 5.44 -14.44
CA ILE B 300 12.66 4.25 -15.20
C ILE B 300 13.34 3.01 -14.65
N GLU B 301 14.61 3.13 -14.29
CA GLU B 301 15.35 1.98 -13.79
C GLU B 301 14.76 1.50 -12.47
N ASN B 302 14.35 2.44 -11.62
CA ASN B 302 13.70 2.08 -10.37
C ASN B 302 12.37 1.34 -10.59
N GLN B 303 11.63 1.74 -11.64
CA GLN B 303 10.35 1.10 -11.96
C GLN B 303 10.58 -0.33 -12.45
N ILE B 304 11.60 -0.52 -13.27
CA ILE B 304 11.95 -1.84 -13.75
C ILE B 304 12.37 -2.73 -12.57
N LYS B 305 13.18 -2.18 -11.66
CA LYS B 305 13.57 -2.95 -10.48
C LYS B 305 12.31 -3.44 -9.76
N ASN B 306 11.35 -2.56 -9.57
CA ASN B 306 10.12 -2.93 -8.87
C ASN B 306 9.21 -3.89 -9.65
N LEU B 307 9.08 -3.70 -10.95
CA LEU B 307 8.32 -4.65 -11.75
C LEU B 307 9.02 -6.01 -11.77
N ASP B 308 10.34 -6.03 -11.93
CA ASP B 308 11.08 -7.29 -11.88
C ASP B 308 10.81 -7.99 -10.56
N ALA B 309 10.92 -7.27 -9.46
CA ALA B 309 10.71 -7.91 -8.14
C ALA B 309 9.28 -8.44 -7.97
N ALA B 310 8.30 -7.68 -8.42
CA ALA B 310 6.91 -8.13 -8.33
C ALA B 310 6.68 -9.40 -9.16
N LEU B 311 7.06 -9.39 -10.44
CA LEU B 311 6.79 -10.54 -11.29
C LEU B 311 7.61 -11.79 -10.90
N GLN B 312 8.78 -11.56 -10.34
CA GLN B 312 9.60 -12.70 -9.91
C GLN B 312 8.89 -13.52 -8.83
N LYS B 313 8.01 -12.86 -8.08
CA LYS B 313 7.26 -13.56 -7.04
C LYS B 313 6.08 -14.38 -7.58
N SER B 314 5.78 -14.26 -8.87
CA SER B 314 4.58 -14.90 -9.37
C SER B 314 4.88 -15.91 -10.46
N LYS B 315 4.42 -17.13 -10.25
CA LYS B 315 4.62 -18.20 -11.23
C LYS B 315 3.28 -18.72 -11.75
N ILE B 316 3.18 -18.77 -13.07
CA ILE B 316 2.01 -19.35 -13.70
C ILE B 316 2.06 -20.87 -13.50
N THR B 317 1.00 -21.41 -12.94
CA THR B 317 1.00 -22.78 -12.38
C THR B 317 0.48 -23.84 -13.35
N GLU B 318 0.02 -23.42 -14.53
CA GLU B 318 -0.40 -24.39 -15.54
C GLU B 318 -0.27 -23.82 -16.93
N ASN B 319 -0.18 -24.71 -17.92
CA ASN B 319 -0.10 -24.30 -19.32
C ASN B 319 -1.31 -23.42 -19.63
N LEU B 320 -1.07 -22.24 -20.18
CA LEU B 320 -2.12 -21.25 -20.35
C LEU B 320 -2.03 -20.57 -21.73
N ILE B 321 -3.18 -20.28 -22.33
CA ILE B 321 -3.20 -19.51 -23.55
C ILE B 321 -3.54 -18.07 -23.19
N VAL B 322 -2.75 -17.11 -23.68
CA VAL B 322 -3.11 -15.70 -23.61
C VAL B 322 -3.15 -15.04 -25.00
N TYR B 323 -3.73 -13.84 -25.06
CA TYR B 323 -3.98 -13.20 -26.34
C TYR B 323 -3.40 -11.80 -26.38
N ARG B 324 -2.88 -11.41 -27.53
CA ARG B 324 -2.30 -10.08 -27.65
C ARG B 324 -2.47 -9.53 -29.06
N ARG B 325 -3.04 -8.34 -29.18
CA ARG B 325 -3.17 -7.71 -30.50
C ARG B 325 -1.99 -6.79 -30.77
N VAL B 326 -1.44 -6.87 -31.98
CA VAL B 326 -0.27 -6.10 -32.37
C VAL B 326 -0.39 -5.73 -33.84
N SER B 327 0.47 -4.82 -34.27
CA SER B 327 0.56 -4.43 -35.67
C SER B 327 1.75 -5.15 -36.28
N GLU B 328 1.95 -4.94 -37.57
CA GLU B 328 3.09 -5.52 -38.30
C GLU B 328 4.46 -5.21 -37.71
N LEU B 329 4.53 -4.15 -36.88
CA LEU B 329 5.76 -3.84 -36.17
C LEU B 329 6.25 -5.00 -35.32
N GLN B 330 5.38 -5.98 -35.08
CA GLN B 330 5.74 -7.17 -34.32
C GLN B 330 6.98 -7.79 -34.93
N PHE B 331 7.07 -7.72 -36.26
CA PHE B 331 8.10 -8.39 -37.03
C PHE B 331 9.30 -7.48 -37.27
N GLY B 332 9.29 -6.29 -36.67
CA GLY B 332 10.40 -5.37 -36.76
C GLY B 332 10.08 -4.02 -37.40
N LYS B 333 10.98 -3.07 -37.18
CA LYS B 333 10.79 -1.70 -37.63
C LYS B 333 10.62 -1.58 -39.14
N LYS B 334 11.18 -2.55 -39.87
CA LYS B 334 11.13 -2.54 -41.32
C LYS B 334 9.71 -2.76 -41.84
N TYR B 335 8.88 -3.36 -40.99
CA TYR B 335 7.52 -3.74 -41.40
C TYR B 335 6.46 -2.71 -41.04
N GLU B 336 6.90 -1.54 -40.59
CA GLU B 336 5.98 -0.53 -40.06
C GLU B 336 4.78 -0.24 -40.98
N ASP B 337 5.07 0.05 -42.25
CA ASP B 337 3.99 0.31 -43.20
C ASP B 337 3.84 -0.86 -44.15
N TYR B 338 3.76 -2.06 -43.57
CA TYR B 338 3.72 -3.29 -44.36
C TYR B 338 2.36 -3.47 -45.05
N ASN B 339 1.33 -2.82 -44.53
CA ASN B 339 -0.01 -2.97 -45.07
C ASN B 339 -0.41 -4.42 -45.27
N LEU B 340 -0.46 -5.16 -44.16
CA LEU B 340 -0.83 -6.57 -44.17
C LEU B 340 -2.34 -6.72 -44.46
N ARG B 341 -3.11 -5.77 -43.97
CA ARG B 341 -4.55 -5.79 -44.17
C ARG B 341 -4.99 -4.54 -44.91
N GLN B 342 -5.70 -4.73 -46.01
CA GLN B 342 -6.28 -3.63 -46.76
C GLN B 342 -7.78 -3.87 -46.93
N ASN B 343 -8.60 -2.88 -46.59
CA ASN B 343 -10.05 -3.01 -46.68
C ASN B 343 -10.59 -4.29 -46.05
N GLY B 344 -10.08 -4.61 -44.87
CA GLY B 344 -10.55 -5.75 -44.11
C GLY B 344 -9.96 -7.07 -44.58
N ILE B 345 -9.24 -7.04 -45.67
CA ILE B 345 -8.72 -8.26 -46.27
C ILE B 345 -7.23 -8.48 -46.01
N ILE B 346 -6.90 -9.64 -45.46
CA ILE B 346 -5.52 -9.99 -45.19
C ILE B 346 -4.84 -10.46 -46.47
N ASN B 347 -3.69 -9.86 -46.77
CA ASN B 347 -2.96 -10.11 -48.02
C ASN B 347 -2.23 -11.44 -47.95
N GLU B 348 -2.67 -12.41 -48.75
CA GLU B 348 -2.14 -13.77 -48.69
C GLU B 348 -0.65 -13.83 -49.02
N GLU B 349 -0.24 -13.07 -50.04
CA GLU B 349 1.16 -13.04 -50.44
C GLU B 349 2.06 -12.56 -49.30
N LYS B 350 1.57 -11.57 -48.56
CA LYS B 350 2.32 -11.06 -47.40
C LYS B 350 2.39 -12.07 -46.26
N VAL B 351 1.34 -12.87 -46.09
CA VAL B 351 1.34 -13.88 -45.05
C VAL B 351 2.37 -14.96 -45.38
N MET B 352 2.38 -15.42 -46.63
CA MET B 352 3.36 -16.42 -47.07
C MET B 352 4.79 -15.90 -46.87
N GLU B 353 4.98 -14.63 -47.17
CA GLU B 353 6.28 -13.98 -46.98
C GLU B 353 6.65 -13.95 -45.51
N LEU B 354 5.69 -13.59 -44.66
CA LEU B 354 5.92 -13.57 -43.23
C LEU B 354 6.22 -14.98 -42.72
N GLU B 355 5.48 -15.95 -43.24
CA GLU B 355 5.62 -17.32 -42.80
C GLU B 355 6.99 -17.85 -43.19
N SER B 356 7.45 -17.46 -44.36
CA SER B 356 8.75 -17.88 -44.87
C SER B 356 9.92 -17.30 -44.07
N ASN B 357 9.82 -16.05 -43.69
CA ASN B 357 10.90 -15.39 -42.95
C ASN B 357 10.90 -15.73 -41.45
N PHE B 358 9.72 -15.97 -40.88
CA PHE B 358 9.64 -16.06 -39.41
C PHE B 358 9.25 -17.41 -38.80
N LYS B 359 8.56 -18.27 -39.55
CA LYS B 359 8.08 -19.50 -38.94
C LYS B 359 9.22 -20.38 -38.40
N GLY B 360 9.14 -20.75 -37.13
CA GLY B 360 10.14 -21.61 -36.53
C GLY B 360 11.26 -20.84 -35.87
N GLN B 361 11.31 -19.53 -36.10
CA GLN B 361 12.35 -18.68 -35.56
C GLN B 361 12.09 -18.30 -34.12
N THR B 362 13.15 -18.19 -33.33
CA THR B 362 13.05 -17.79 -31.94
C THR B 362 13.44 -16.33 -31.82
N PHE B 363 12.94 -15.67 -30.78
CA PHE B 363 13.31 -14.28 -30.54
C PHE B 363 13.02 -13.96 -29.08
N ILE B 364 13.60 -12.89 -28.59
CA ILE B 364 13.41 -12.50 -27.20
C ILE B 364 12.52 -11.26 -27.16
N GLN B 365 11.51 -11.25 -26.29
CA GLN B 365 10.80 -9.99 -26.03
C GLN B 365 11.50 -9.37 -24.83
N HIS B 366 12.32 -8.35 -25.08
CA HIS B 366 13.04 -7.65 -24.01
C HIS B 366 12.08 -6.80 -23.16
N ASN B 367 11.00 -6.32 -23.78
CA ASN B 367 9.91 -5.64 -23.04
C ASN B 367 9.13 -6.59 -22.14
N TYR B 368 8.50 -6.07 -21.08
CA TYR B 368 7.47 -6.86 -20.40
C TYR B 368 6.39 -7.12 -21.44
N MET B 369 5.66 -8.22 -21.28
CA MET B 369 4.64 -8.62 -22.27
C MET B 369 3.23 -8.55 -21.71
N SER B 370 2.52 -7.46 -21.99
CA SER B 370 1.10 -7.33 -21.65
C SER B 370 0.26 -8.14 -22.62
N THR B 371 -0.58 -9.02 -22.07
CA THR B 371 -1.48 -9.84 -22.84
C THR B 371 -2.84 -9.87 -22.11
N SER B 372 -3.86 -10.32 -22.83
CA SER B 372 -5.18 -10.50 -22.24
C SER B 372 -5.43 -11.97 -21.96
N LEU B 373 -6.09 -12.25 -20.84
CA LEU B 373 -6.46 -13.59 -20.46
C LEU B 373 -7.56 -14.11 -21.40
N VAL B 374 -8.26 -13.19 -22.05
CA VAL B 374 -9.31 -13.58 -22.99
C VAL B 374 -9.05 -12.92 -24.32
N GLN B 375 -9.64 -13.45 -25.39
CA GLN B 375 -9.44 -12.90 -26.71
C GLN B 375 -10.26 -11.60 -26.96
N ASP B 376 -9.57 -10.52 -27.33
CA ASP B 376 -10.23 -9.30 -27.80
C ASP B 376 -11.30 -8.71 -26.84
N PRO B 377 -10.93 -8.46 -25.57
CA PRO B 377 -11.98 -7.98 -24.66
C PRO B 377 -12.27 -6.47 -24.75
N HIS B 378 -11.34 -5.69 -25.25
CA HIS B 378 -11.43 -4.25 -25.10
C HIS B 378 -11.23 -3.53 -26.41
N GLN B 379 -11.94 -2.40 -26.60
CA GLN B 379 -11.79 -1.55 -27.80
C GLN B 379 -10.36 -1.09 -28.12
N SER B 380 -9.52 -0.92 -27.11
CA SER B 380 -8.17 -0.39 -27.38
C SER B 380 -7.37 -1.37 -28.23
N TYR B 381 -7.56 -2.66 -28.01
CA TYR B 381 -6.78 -3.70 -28.67
C TYR B 381 -7.71 -4.76 -29.21
N SER B 382 -8.19 -4.53 -30.41
CA SER B 382 -9.26 -5.33 -30.95
C SER B 382 -9.01 -5.56 -32.42
N ASN B 383 -9.84 -6.40 -33.04
CA ASN B 383 -9.69 -6.71 -34.45
C ASN B 383 -9.82 -5.47 -35.35
N ASP B 384 -10.58 -4.49 -34.90
CA ASP B 384 -10.80 -3.29 -35.70
C ASP B 384 -9.50 -2.52 -35.97
N ARG B 385 -8.65 -2.41 -34.95
CA ARG B 385 -7.44 -1.57 -35.03
C ARG B 385 -6.13 -2.36 -35.33
N TYR B 386 -6.14 -3.65 -35.07
CA TYR B 386 -4.90 -4.44 -35.17
C TYR B 386 -5.06 -5.70 -36.04
N PRO B 387 -4.27 -5.82 -37.11
CA PRO B 387 -4.51 -6.92 -38.07
C PRO B 387 -3.91 -8.24 -37.59
N ILE B 388 -3.27 -8.24 -36.43
CA ILE B 388 -2.58 -9.44 -35.99
C ILE B 388 -2.97 -9.83 -34.59
N LEU B 389 -3.39 -11.09 -34.43
CA LEU B 389 -3.64 -11.64 -33.10
C LEU B 389 -2.56 -12.65 -32.75
N LEU B 390 -1.87 -12.41 -31.64
CA LEU B 390 -0.94 -13.38 -31.12
C LEU B 390 -1.70 -14.27 -30.15
N GLU B 391 -1.70 -15.56 -30.43
CA GLU B 391 -2.26 -16.53 -29.49
C GLU B 391 -1.07 -17.25 -28.88
N ILE B 392 -0.83 -16.97 -27.60
CA ILE B 392 0.44 -17.32 -27.00
C ILE B 392 0.29 -18.45 -25.97
N THR B 393 1.04 -19.53 -26.17
CA THR B 393 1.04 -20.61 -25.20
C THR B 393 2.11 -20.40 -24.13
N ILE B 394 1.66 -20.25 -22.90
CA ILE B 394 2.52 -20.03 -21.75
C ILE B 394 2.69 -21.34 -20.99
N PRO B 395 3.92 -21.88 -20.94
CA PRO B 395 4.11 -23.12 -20.19
C PRO B 395 4.14 -22.86 -18.67
N GLU B 396 3.72 -23.86 -17.89
CA GLU B 396 3.78 -23.77 -16.43
C GLU B 396 5.18 -23.36 -16.01
N GLY B 397 5.27 -22.49 -15.01
CA GLY B 397 6.56 -22.06 -14.52
C GLY B 397 7.00 -20.67 -14.99
N VAL B 398 6.36 -20.14 -16.03
CA VAL B 398 6.68 -18.79 -16.49
C VAL B 398 6.26 -17.75 -15.45
N HIS B 399 7.05 -16.70 -15.31
CA HIS B 399 6.74 -15.63 -14.36
C HIS B 399 5.77 -14.65 -15.01
N GLY B 400 4.56 -14.61 -14.50
CA GLY B 400 3.53 -13.71 -14.99
C GLY B 400 2.40 -13.64 -13.99
N ALA B 401 1.51 -12.66 -14.14
CA ALA B 401 0.47 -12.46 -13.15
C ALA B 401 -0.72 -11.72 -13.73
N TYR B 402 -1.90 -12.04 -13.20
CA TYR B 402 -3.14 -11.35 -13.55
C TYR B 402 -3.15 -10.02 -12.81
N ILE B 403 -3.18 -8.93 -13.55
CA ILE B 403 -3.11 -7.60 -12.91
C ILE B 403 -4.31 -6.71 -13.23
N ALA B 404 -5.37 -7.30 -13.78
CA ALA B 404 -6.54 -6.53 -14.24
C ALA B 404 -7.12 -5.65 -13.15
N ASP B 405 -7.17 -6.15 -11.91
CA ASP B 405 -7.74 -5.39 -10.78
C ASP B 405 -6.86 -4.24 -10.30
N MET B 406 -5.63 -4.20 -10.79
CA MET B 406 -4.77 -3.06 -10.52
C MET B 406 -4.60 -2.14 -11.73
N SER B 407 -5.11 -2.56 -12.88
CA SER B 407 -4.80 -1.84 -14.10
C SER B 407 -5.60 -0.55 -14.21
N GLU B 408 -5.07 0.45 -14.90
CA GLU B 408 -5.92 1.58 -15.29
C GLU B 408 -7.04 1.13 -16.25
N TYR B 409 -6.95 -0.10 -16.78
CA TYR B 409 -7.97 -0.62 -17.71
C TYR B 409 -8.35 -2.07 -17.37
N PRO B 410 -9.19 -2.24 -16.34
CA PRO B 410 -9.55 -3.59 -15.88
C PRO B 410 -10.20 -4.40 -16.99
N GLY B 411 -10.94 -3.72 -17.87
CA GLY B 411 -11.65 -4.40 -18.95
C GLY B 411 -10.74 -5.02 -20.00
N GLN B 412 -9.43 -4.98 -19.77
CA GLN B 412 -8.50 -5.67 -20.68
C GLN B 412 -8.12 -7.06 -20.15
N TYR B 413 -8.50 -7.36 -18.91
CA TYR B 413 -8.18 -8.68 -18.30
C TYR B 413 -6.68 -9.02 -18.46
N GLU B 414 -5.82 -8.05 -18.14
CA GLU B 414 -4.39 -8.20 -18.46
C GLU B 414 -3.66 -9.24 -17.61
N MET B 415 -3.00 -10.17 -18.32
CA MET B 415 -1.93 -11.00 -17.76
C MET B 415 -0.60 -10.37 -18.16
N LEU B 416 0.18 -9.96 -17.18
CA LEU B 416 1.49 -9.35 -17.42
C LEU B 416 2.55 -10.42 -17.33
N ILE B 417 3.23 -10.68 -18.45
CA ILE B 417 4.29 -11.67 -18.50
C ILE B 417 5.66 -10.96 -18.33
N ASN B 418 6.54 -11.53 -17.51
CA ASN B 418 7.87 -10.94 -17.30
C ASN B 418 8.65 -10.70 -18.60
N ARG B 419 9.58 -9.78 -18.53
CA ARG B 419 10.45 -9.42 -19.66
C ARG B 419 11.53 -10.45 -19.92
N GLY B 420 12.02 -10.48 -21.15
CA GLY B 420 13.22 -11.24 -21.46
C GLY B 420 13.02 -12.70 -21.80
N TYR B 421 11.77 -13.16 -21.95
CA TYR B 421 11.55 -14.54 -22.36
C TYR B 421 11.86 -14.72 -23.83
N THR B 422 12.28 -15.94 -24.18
CA THR B 422 12.39 -16.37 -25.57
C THR B 422 11.06 -16.95 -26.11
N PHE B 423 10.63 -16.46 -27.28
CA PHE B 423 9.41 -16.92 -27.90
C PHE B 423 9.75 -17.57 -29.23
N LYS B 424 8.84 -18.39 -29.73
CA LYS B 424 9.00 -19.00 -31.05
C LYS B 424 7.76 -18.78 -31.90
N TYR B 425 7.94 -18.43 -33.17
CA TYR B 425 6.82 -18.37 -34.11
C TYR B 425 6.40 -19.77 -34.57
N ASP B 426 5.23 -20.21 -34.13
CA ASP B 426 4.80 -21.58 -34.39
C ASP B 426 3.94 -21.77 -35.64
N LYS B 427 3.04 -20.83 -35.89
CA LYS B 427 1.98 -21.04 -36.88
C LYS B 427 1.35 -19.71 -37.32
N PHE B 428 0.99 -19.64 -38.60
CA PHE B 428 0.39 -18.45 -39.20
C PHE B 428 -0.94 -18.84 -39.83
N SER B 429 -2.03 -18.26 -39.37
CA SER B 429 -3.38 -18.62 -39.87
C SER B 429 -4.17 -17.36 -40.21
N ILE B 430 -4.78 -17.34 -41.39
CA ILE B 430 -5.68 -16.26 -41.74
C ILE B 430 -7.07 -16.61 -41.24
N VAL B 431 -7.66 -15.70 -40.47
CA VAL B 431 -8.97 -15.95 -39.88
C VAL B 431 -10.00 -14.99 -40.47
N LYS B 432 -11.12 -15.53 -40.95
CA LYS B 432 -12.18 -14.71 -41.52
C LYS B 432 -13.40 -14.61 -40.61
N PRO B 433 -14.18 -13.53 -40.76
CA PRO B 433 -15.35 -13.26 -39.90
C PRO B 433 -16.33 -14.42 -39.88
N GLY B 440 -16.25 -7.38 -39.14
CA GLY B 440 -16.27 -7.88 -40.49
C GLY B 440 -14.90 -7.91 -41.14
N LYS B 441 -13.86 -7.87 -40.32
CA LYS B 441 -12.48 -7.86 -40.80
C LYS B 441 -11.75 -9.18 -40.57
N GLU B 442 -11.00 -9.61 -41.57
CA GLU B 442 -10.08 -10.74 -41.41
C GLU B 442 -8.92 -10.30 -40.54
N TYR B 443 -8.25 -11.26 -39.95
CA TYR B 443 -6.98 -10.98 -39.28
C TYR B 443 -6.02 -12.16 -39.39
N LEU B 444 -4.76 -11.90 -39.12
CA LEU B 444 -3.75 -12.93 -39.12
C LEU B 444 -3.56 -13.43 -37.68
N LYS B 445 -3.85 -14.71 -37.43
CA LYS B 445 -3.56 -15.27 -36.11
C LYS B 445 -2.17 -15.87 -36.15
N VAL B 446 -1.31 -15.42 -35.24
CA VAL B 446 0.04 -15.98 -35.14
C VAL B 446 0.15 -16.70 -33.82
N ASN B 447 0.42 -18.01 -33.86
CA ASN B 447 0.65 -18.77 -32.64
C ASN B 447 2.11 -18.71 -32.20
N LEU B 448 2.33 -18.39 -30.93
CA LEU B 448 3.65 -18.27 -30.35
C LEU B 448 3.71 -19.20 -29.15
N SER B 449 4.90 -19.65 -28.79
CA SER B 449 5.08 -20.33 -27.51
C SER B 449 6.28 -19.73 -26.78
N ILE B 450 6.26 -19.76 -25.44
CA ILE B 450 7.45 -19.37 -24.68
C ILE B 450 8.34 -20.59 -24.49
N TYR B 451 9.62 -20.39 -24.78
CA TYR B 451 10.57 -21.49 -24.80
C TYR B 451 11.37 -21.42 -23.52
N LEU B 452 10.96 -22.19 -22.53
CA LEU B 452 11.55 -22.14 -21.20
C LEU B 452 12.90 -22.87 -21.15
N11 G9L C . -2.84 0.62 24.74
N12 G9L C . 1.91 0.30 26.45
N13 G9L C . 5.16 2.83 27.27
OAA G9L C . 0.13 -0.62 27.49
OAB G9L C . 6.73 4.46 26.73
FAC G9L C . 5.82 5.18 21.74
CAD G9L C . 4.22 3.55 22.31
CAE G9L C . 3.67 2.73 23.27
CAF G9L C . 5.81 4.46 23.97
CAG G9L C . -4.77 1.28 23.30
CAH G9L C . -4.93 0.74 24.83
CAI G9L C . -3.21 1.29 22.82
CAJ G9L C . -0.43 0.30 25.39
CAK G9L C . 3.56 1.12 28.03
CAL G9L C . -4.31 1.03 25.33
CAM G9L C . -2.79 0.62 23.12
CAN G9L C . -1.91 0.07 25.68
CAO G9L C . 2.76 -0.03 27.55
CAP G9L C . 2.48 1.01 25.34
CAR G9L C . 0.52 -0.03 26.52
CAS G9L C . 5.29 4.41 22.66
CAT G9L C . 4.12 1.99 26.98
CAU G9L C . 3.63 1.94 25.66
CAV G9L C . 5.72 3.66 26.33
CAW G9L C . 4.20 2.79 24.61
CAX G9L C . 5.24 3.63 24.95
CL CL D . 3.69 -1.68 32.34
CL CL E . 3.57 -4.78 27.07
NA NA F . 17.92 -10.87 10.65
N11 G9L G . -0.58 2.59 -24.03
N12 G9L G . 0.25 -2.05 -26.07
N13 G9L G . -2.00 -5.42 -27.19
OAA G9L G . 0.95 -0.09 -27.03
OAB G9L G . -3.55 -7.12 -26.78
FAC G9L G . -4.39 -6.66 -21.77
CAD G9L G . -2.87 -4.93 -22.18
CAE G9L G . -2.07 -4.25 -23.07
CAF G9L G . -3.64 -6.42 -23.98
CAG G9L G . -1.38 4.33 -22.41
CAH G9L G . -1.04 4.63 -23.98
CAI G9L G . -1.23 2.74 -22.07
CAJ G9L G . -0.02 0.22 -24.89
CAK G9L G . -0.38 -3.67 -27.79
CAL G9L G . -1.27 3.99 -24.49
CAM G9L G . -0.53 2.42 -22.42
CAN G9L G . -0.04 1.76 -25.09
CAO G9L G . 0.67 -2.80 -27.22
CAP G9L G . -0.37 -2.79 -25.01
CAR G9L G . 0.42 -0.61 -26.06
CAS G9L G . -3.64 -6.01 -22.63
CAT G9L G . -1.23 -4.36 -26.78
CAU G9L G . -1.22 -3.97 -25.44
CAV G9L G . -2.80 -6.09 -26.31
CAW G9L G . -2.05 -4.67 -24.45
CAX G9L G . -2.84 -5.72 -24.88
CL CL H . 4.90 -3.08 -26.72
NA NA I . 12.92 -18.16 -11.71
#